data_7F3V
#
_entry.id   7F3V
#
_cell.length_a   69.949
_cell.length_b   98.831
_cell.length_c   136.240
_cell.angle_alpha   90.000
_cell.angle_beta   90.000
_cell.angle_gamma   90.000
#
_symmetry.space_group_name_H-M   'P 21 21 21'
#
loop_
_entity.id
_entity.type
_entity.pdbx_description
1 polymer 'Purine nucleoside phosphorylase YfiH'
2 non-polymer '(2R)-2-{[(2R,3R,4R,5S,6R)-3-(acetylamino)-2-{[(S)-{[(R)-{[(2R,3S,4R,5R)-5-(2,4-dioxo-3,4-dihydropyrimidin-1(2H)-yl)-3,4-dihydroxytetrahydrofuran-2-yl]methoxy}(hydroxy)phosphoryl]oxy}(hydroxy)phosphoryl]oxy}-5-hydroxy-6-(hydroxymethyl)tetrahydro-2H-pyran-4-yl]oxy}propanoic acid'
3 non-polymer 'PHOSPHATE ION'
4 non-polymer 2-AMINO-2-HYDROXYMETHYL-PROPANE-1,3-DIOL
5 water water
#
_entity_poly.entity_id   1
_entity_poly.type   'polypeptide(L)'
_entity_poly.pdbx_seq_one_letter_code
;MSKLIVPQWPQPKGVAACSSTRIGGVSLPPYDSLNLGAHCGDNPDHVEENRKRLFAAGNLPSKPVWLEQVHGKDVLKLTG
EPYASKRADASYSNTPGTVCAVMTADALPVLFCNRAGTEVAAAHAGWRGLCAGVLEETVSCFADNPENILAWLGPAIGPR
AFEVGGEVREAFMAVDAKASAAFIQHGDKYLADIYQLARQRLANVGVEQIFGGDRCTYTENETFFSYRRDKTTGRMASFI
WLILEHHHHHH
;
_entity_poly.pdbx_strand_id   A,B,C,D
#
loop_
_chem_comp.id
_chem_comp.type
_chem_comp.name
_chem_comp.formula
EPZ non-polymer '(2R)-2-{[(2R,3R,4R,5S,6R)-3-(acetylamino)-2-{[(S)-{[(R)-{[(2R,3S,4R,5R)-5-(2,4-dioxo-3,4-dihydropyrimidin-1(2H)-yl)-3,4-dihydroxytetrahydrofuran-2-yl]methoxy}(hydroxy)phosphoryl]oxy}(hydroxy)phosphoryl]oxy}-5-hydroxy-6-(hydroxymethyl)tetrahydro-2H-pyran-4-yl]oxy}propanoic acid' 'C20 H31 N3 O19 P2'
PO4 non-polymer 'PHOSPHATE ION' 'O4 P -3'
TRS non-polymer 2-AMINO-2-HYDROXYMETHYL-PROPANE-1,3-DIOL 'C4 H12 N O3 1'
#
# COMPACT_ATOMS: atom_id res chain seq x y z
N SER A 2 18.91 34.34 12.35
CA SER A 2 18.93 34.67 13.81
C SER A 2 18.71 33.39 14.62
N LYS A 3 18.22 33.53 15.86
CA LYS A 3 17.70 32.39 16.68
C LYS A 3 16.68 31.60 15.86
N LEU A 4 15.85 32.27 15.06
CA LEU A 4 14.54 31.71 14.62
C LEU A 4 14.54 31.45 13.12
N ILE A 5 13.85 30.39 12.75
CA ILE A 5 13.52 30.06 11.35
C ILE A 5 12.17 30.70 11.03
N VAL A 6 12.08 31.38 9.90
CA VAL A 6 10.78 31.92 9.41
C VAL A 6 10.39 31.08 8.21
N PRO A 7 9.27 30.31 8.29
CA PRO A 7 8.86 29.47 7.17
C PRO A 7 8.85 30.19 5.82
N GLN A 8 9.41 29.56 4.78
CA GLN A 8 9.40 30.01 3.37
C GLN A 8 8.21 29.30 2.72
N TRP A 9 7.08 29.98 2.84
CA TRP A 9 5.82 29.61 2.17
C TRP A 9 5.13 30.89 1.79
N PRO A 10 4.12 30.85 0.91
CA PRO A 10 3.40 32.06 0.50
C PRO A 10 2.39 32.45 1.60
N GLN A 11 2.97 32.92 2.68
CA GLN A 11 2.34 33.36 3.94
C GLN A 11 1.37 34.50 3.61
N PRO A 12 0.07 34.37 3.90
CA PRO A 12 -0.89 35.49 3.81
C PRO A 12 -0.46 36.63 4.75
N LYS A 13 -0.88 37.87 4.48
CA LYS A 13 -0.50 39.05 5.30
C LYS A 13 -0.96 38.95 6.75
N GLY A 14 -2.08 38.33 7.05
CA GLY A 14 -2.57 38.26 8.44
C GLY A 14 -1.91 37.22 9.33
N VAL A 15 -0.96 36.48 8.77
CA VAL A 15 -0.35 35.30 9.44
C VAL A 15 1.11 35.62 9.73
N ALA A 16 1.57 35.19 10.92
CA ALA A 16 2.99 35.19 11.31
C ALA A 16 3.33 33.81 11.86
N ALA A 17 4.55 33.41 11.61
CA ALA A 17 5.04 32.09 12.07
C ALA A 17 6.52 32.16 12.36
N CYS A 18 6.98 31.26 13.21
CA CYS A 18 8.41 31.08 13.43
C CYS A 18 8.64 29.69 14.00
N SER A 19 9.85 29.22 13.88
CA SER A 19 10.23 27.90 14.40
C SER A 19 11.60 28.08 15.09
N SER A 20 11.69 27.64 16.34
CA SER A 20 12.91 27.91 17.15
C SER A 20 14.00 26.90 16.82
N THR A 21 15.23 27.27 17.19
CA THR A 21 16.40 26.39 17.06
C THR A 21 16.97 26.22 18.47
N ARG A 22 18.06 25.47 18.60
CA ARG A 22 18.68 25.27 19.92
C ARG A 22 19.44 26.50 20.40
N ILE A 23 19.64 27.50 19.55
CA ILE A 23 20.57 28.63 19.81
C ILE A 23 19.83 29.71 20.59
N GLY A 24 20.55 30.39 21.46
CA GLY A 24 20.09 31.68 22.04
C GLY A 24 19.51 31.57 23.42
N GLY A 25 19.63 30.43 24.10
CA GLY A 25 19.04 30.23 25.44
C GLY A 25 20.08 30.23 26.56
N VAL A 26 19.71 29.67 27.71
CA VAL A 26 20.58 29.68 28.94
C VAL A 26 20.80 28.26 29.45
N SER A 27 20.23 27.23 28.82
CA SER A 27 20.38 25.86 29.34
C SER A 27 21.76 25.31 29.09
N LEU A 28 22.16 24.45 30.04
CA LEU A 28 23.45 23.76 29.95
C LEU A 28 23.31 22.49 29.14
N PRO A 29 24.39 21.93 28.57
CA PRO A 29 24.38 20.60 27.96
C PRO A 29 23.76 19.57 28.88
N PRO A 30 22.93 18.59 28.39
CA PRO A 30 22.61 18.34 26.98
C PRO A 30 21.44 19.17 26.40
N TYR A 31 20.99 20.15 27.15
CA TYR A 31 19.81 21.00 26.82
C TYR A 31 20.28 22.29 26.15
N ASP A 32 21.53 22.32 25.72
CA ASP A 32 22.16 23.58 25.29
C ASP A 32 21.58 24.07 23.95
N SER A 33 20.97 25.27 23.89
CA SER A 33 20.71 26.17 25.00
C SER A 33 19.25 26.61 25.11
N LEU A 34 18.51 26.74 23.98
CA LEU A 34 17.15 27.30 23.99
C LEU A 34 16.16 26.13 24.11
N ASN A 35 16.26 25.42 25.24
CA ASN A 35 15.36 24.29 25.54
C ASN A 35 14.03 24.83 26.02
N LEU A 36 12.96 24.58 25.26
CA LEU A 36 11.60 25.03 25.63
C LEU A 36 10.79 23.93 26.32
N GLY A 37 11.31 22.72 26.44
CA GLY A 37 10.56 21.61 27.02
C GLY A 37 10.72 21.54 28.54
N ALA A 38 9.62 21.37 29.27
CA ALA A 38 9.60 21.39 30.75
C ALA A 38 9.58 19.98 31.34
N HIS A 39 9.54 18.93 30.55
CA HIS A 39 9.45 17.54 31.08
C HIS A 39 10.58 16.67 30.56
N CYS A 40 11.73 17.25 30.25
CA CYS A 40 12.84 16.45 29.71
C CYS A 40 14.05 16.51 30.64
N GLY A 41 13.90 17.02 31.87
CA GLY A 41 14.90 16.89 32.95
C GLY A 41 15.79 18.11 33.07
N ASP A 42 15.52 19.16 32.31
CA ASP A 42 16.26 20.43 32.46
C ASP A 42 15.87 21.19 33.73
N ASN A 43 16.72 22.14 34.09
CA ASN A 43 16.40 23.10 35.16
C ASN A 43 15.16 23.88 34.79
N PRO A 44 14.07 23.83 35.60
CA PRO A 44 12.85 24.55 35.26
C PRO A 44 13.07 26.06 35.17
N ASP A 45 14.03 26.61 35.95
CA ASP A 45 14.26 28.07 35.89
C ASP A 45 14.88 28.44 34.55
N HIS A 46 15.67 27.56 33.98
CA HIS A 46 16.29 27.83 32.65
C HIS A 46 15.21 27.69 31.56
N VAL A 47 14.35 26.69 31.67
CA VAL A 47 13.27 26.51 30.65
C VAL A 47 12.41 27.75 30.62
N GLU A 48 12.08 28.30 31.79
CA GLU A 48 11.22 29.50 31.94
C GLU A 48 11.91 30.67 31.22
N GLU A 49 13.21 30.82 31.41
CA GLU A 49 13.97 31.93 30.81
C GLU A 49 14.04 31.71 29.29
N ASN A 50 14.19 30.45 28.85
CA ASN A 50 14.30 30.18 27.39
C ASN A 50 12.97 30.55 26.75
N ARG A 51 11.85 30.25 27.41
CA ARG A 51 10.49 30.52 26.86
C ARG A 51 10.29 32.03 26.80
N LYS A 52 10.83 32.76 27.77
CA LYS A 52 10.70 34.25 27.73
C LYS A 52 11.53 34.80 26.57
N ARG A 53 12.71 34.25 26.35
CA ARG A 53 13.61 34.69 25.26
C ARG A 53 12.90 34.44 23.93
N LEU A 54 12.26 33.29 23.75
CA LEU A 54 11.55 32.95 22.49
C LEU A 54 10.46 34.00 22.27
N PHE A 55 9.65 34.24 23.31
CA PHE A 55 8.57 35.24 23.27
C PHE A 55 9.13 36.56 22.73
N ALA A 56 10.24 37.03 23.27
CA ALA A 56 10.79 38.34 22.86
C ALA A 56 11.32 38.25 21.43
N ALA A 57 12.06 37.21 21.06
CA ALA A 57 12.81 37.12 19.80
C ALA A 57 11.76 37.03 18.69
N GLY A 58 10.68 36.31 18.95
CA GLY A 58 9.64 36.06 17.94
C GLY A 58 8.68 37.22 17.80
N ASN A 59 8.71 38.19 18.72
CA ASN A 59 7.72 39.31 18.73
C ASN A 59 6.32 38.71 18.89
N LEU A 60 6.16 37.67 19.71
CA LEU A 60 4.84 37.04 19.89
C LEU A 60 3.89 38.04 20.53
N PRO A 61 2.60 38.08 20.10
CA PRO A 61 1.61 38.96 20.72
C PRO A 61 1.04 38.55 22.07
N SER A 62 1.19 37.27 22.39
CA SER A 62 0.78 36.71 23.68
C SER A 62 1.64 35.46 23.91
N LYS A 63 1.59 34.93 25.11
CA LYS A 63 2.39 33.74 25.46
C LYS A 63 1.82 32.54 24.72
N PRO A 64 2.71 31.66 24.20
CA PRO A 64 2.24 30.48 23.47
C PRO A 64 1.34 29.62 24.36
N VAL A 65 0.34 28.97 23.75
CA VAL A 65 -0.51 27.98 24.46
C VAL A 65 0.20 26.64 24.38
N TRP A 66 0.99 26.32 25.40
CA TRP A 66 1.68 25.01 25.45
C TRP A 66 0.68 23.89 25.68
N LEU A 67 0.80 22.79 24.92
CA LEU A 67 -0.08 21.65 25.06
C LEU A 67 0.54 20.57 25.98
N GLU A 68 -0.34 19.77 26.53
CA GLU A 68 0.00 18.50 27.19
C GLU A 68 0.00 17.48 26.03
N GLN A 69 1.17 17.39 25.38
CA GLN A 69 1.35 16.52 24.19
C GLN A 69 1.45 15.07 24.61
N VAL A 70 0.70 14.20 23.94
CA VAL A 70 0.67 12.77 24.29
C VAL A 70 0.83 11.90 23.04
N HIS A 71 1.31 12.45 21.92
CA HIS A 71 1.53 11.69 20.65
C HIS A 71 0.20 11.12 20.14
N GLY A 72 -0.89 11.86 20.34
CA GLY A 72 -2.21 11.48 19.82
C GLY A 72 -2.64 12.38 18.69
N LYS A 73 -3.94 12.34 18.43
CA LYS A 73 -4.55 13.01 17.25
C LYS A 73 -5.53 14.07 17.75
N ASP A 74 -5.52 14.45 18.99
CA ASP A 74 -6.53 15.44 19.45
C ASP A 74 -6.02 16.87 19.19
N VAL A 75 -6.96 17.76 18.87
CA VAL A 75 -6.72 19.18 18.52
C VAL A 75 -7.45 20.04 19.58
N LEU A 76 -6.75 20.97 20.19
CA LEU A 76 -7.38 21.95 21.11
C LEU A 76 -7.71 23.18 20.27
N LYS A 77 -8.99 23.57 20.25
CA LYS A 77 -9.39 24.86 19.63
C LYS A 77 -9.15 25.97 20.66
N LEU A 78 -8.36 26.96 20.32
CA LEU A 78 -7.84 27.99 21.25
C LEU A 78 -8.92 29.10 21.39
N THR A 79 -9.97 28.73 22.09
CA THR A 79 -11.14 29.62 22.36
C THR A 79 -10.89 30.53 23.57
N GLY A 80 -9.78 30.36 24.32
CA GLY A 80 -9.33 31.38 25.28
C GLY A 80 -8.85 30.80 26.59
N GLU A 81 -7.78 31.39 27.14
CA GLU A 81 -7.06 30.93 28.36
C GLU A 81 -7.86 31.41 29.57
N PRO A 82 -7.94 30.63 30.67
CA PRO A 82 -7.32 29.31 30.77
C PRO A 82 -8.19 28.17 30.22
N TYR A 83 -7.57 27.01 30.00
CA TYR A 83 -8.23 25.81 29.44
C TYR A 83 -8.38 24.73 30.54
N ALA A 84 -9.51 24.03 30.54
CA ALA A 84 -9.80 22.87 31.43
C ALA A 84 -8.68 21.84 31.24
N SER A 85 -8.46 21.44 30.00
CA SER A 85 -7.45 20.41 29.63
C SER A 85 -6.71 20.90 28.40
N LYS A 86 -5.40 20.68 28.36
CA LYS A 86 -4.61 20.95 27.12
C LYS A 86 -4.05 19.62 26.61
N ARG A 87 -4.68 18.49 26.93
CA ARG A 87 -4.27 17.14 26.46
C ARG A 87 -4.57 17.08 24.95
N ALA A 88 -3.58 17.35 24.12
CA ALA A 88 -3.77 17.47 22.65
C ALA A 88 -2.38 17.52 22.01
N ASP A 89 -2.32 17.20 20.72
CA ASP A 89 -1.05 17.31 19.98
C ASP A 89 -1.19 18.28 18.81
N ALA A 90 -2.26 19.07 18.80
CA ALA A 90 -2.38 20.14 17.83
C ALA A 90 -3.29 21.21 18.39
N SER A 91 -3.15 22.39 17.87
CA SER A 91 -4.07 23.49 18.28
C SER A 91 -4.50 24.24 17.03
N TYR A 92 -5.64 24.93 17.18
CA TYR A 92 -6.33 25.65 16.07
C TYR A 92 -6.71 27.02 16.60
N SER A 93 -6.49 28.05 15.80
CA SER A 93 -6.96 29.41 16.19
C SER A 93 -7.61 30.14 15.01
N ASN A 94 -8.65 30.91 15.34
CA ASN A 94 -9.16 31.96 14.42
C ASN A 94 -9.22 33.28 15.19
N THR A 95 -8.49 33.40 16.29
CA THR A 95 -8.49 34.60 17.16
C THR A 95 -7.21 35.38 16.97
N PRO A 96 -7.24 36.63 16.45
CA PRO A 96 -6.03 37.42 16.36
C PRO A 96 -5.32 37.48 17.72
N GLY A 97 -4.01 37.28 17.66
CA GLY A 97 -3.07 37.43 18.78
C GLY A 97 -2.78 36.11 19.50
N THR A 98 -3.60 35.09 19.28
CA THR A 98 -3.52 33.78 19.99
C THR A 98 -2.41 32.97 19.30
N VAL A 99 -1.48 32.43 20.09
CA VAL A 99 -0.29 31.77 19.52
C VAL A 99 -0.44 30.24 19.68
N CYS A 100 -0.49 29.54 18.54
CA CYS A 100 -0.44 28.06 18.49
C CYS A 100 1.02 27.64 18.55
N ALA A 101 1.29 26.58 19.31
CA ALA A 101 2.69 26.14 19.55
C ALA A 101 2.72 24.63 19.70
N VAL A 102 3.72 24.02 19.06
CA VAL A 102 4.02 22.59 19.25
C VAL A 102 5.50 22.44 19.53
N MET A 103 5.77 21.49 20.45
CA MET A 103 7.14 21.29 20.96
C MET A 103 7.68 20.00 20.35
N THR A 104 8.88 20.05 19.79
CA THR A 104 9.46 18.92 19.02
C THR A 104 10.98 18.80 19.20
N ALA A 105 11.48 17.59 18.98
CA ALA A 105 12.93 17.28 18.84
C ALA A 105 13.03 15.99 18.04
N ASP A 106 12.48 16.03 16.83
CA ASP A 106 12.50 14.99 15.76
C ASP A 106 11.08 14.84 15.16
N ALA A 107 10.06 14.90 16.01
CA ALA A 107 8.67 14.81 15.48
C ALA A 107 8.44 15.94 14.50
N LEU A 108 7.59 15.70 13.52
CA LEU A 108 7.32 16.73 12.51
C LEU A 108 6.39 17.79 13.07
N PRO A 109 6.81 19.05 13.08
CA PRO A 109 5.88 20.16 13.33
C PRO A 109 5.22 20.53 12.01
N VAL A 110 3.91 20.68 11.98
CA VAL A 110 3.27 21.21 10.74
C VAL A 110 2.52 22.45 11.12
N LEU A 111 2.77 23.51 10.41
CA LEU A 111 2.02 24.77 10.57
C LEU A 111 1.01 24.88 9.41
N PHE A 112 -0.19 25.36 9.74
CA PHE A 112 -1.28 25.48 8.74
C PHE A 112 -1.85 26.90 8.79
N CYS A 113 -2.28 27.37 7.63
CA CYS A 113 -3.14 28.59 7.60
C CYS A 113 -4.03 28.49 6.36
N ASN A 114 -5.08 29.32 6.31
CA ASN A 114 -5.91 29.46 5.10
C ASN A 114 -5.36 30.59 4.20
N ARG A 115 -5.73 30.57 2.92
CA ARG A 115 -5.30 31.61 1.96
C ARG A 115 -5.77 33.00 2.43
N ALA A 116 -6.93 33.09 3.08
CA ALA A 116 -7.50 34.36 3.58
C ALA A 116 -6.66 34.90 4.75
N GLY A 117 -5.85 34.06 5.43
CA GLY A 117 -5.10 34.53 6.62
C GLY A 117 -6.03 34.89 7.76
N THR A 118 -7.04 34.07 8.01
CA THR A 118 -8.05 34.20 9.09
C THR A 118 -8.10 32.95 9.98
N GLU A 119 -7.36 31.88 9.67
CA GLU A 119 -7.32 30.71 10.58
C GLU A 119 -5.94 30.05 10.44
N VAL A 120 -5.43 29.63 11.59
CA VAL A 120 -4.10 28.98 11.70
C VAL A 120 -4.22 27.76 12.61
N ALA A 121 -3.19 26.91 12.51
CA ALA A 121 -3.07 25.73 13.38
C ALA A 121 -1.64 25.23 13.37
N ALA A 122 -1.32 24.55 14.47
CA ALA A 122 -0.02 23.87 14.60
C ALA A 122 -0.24 22.45 15.07
N ALA A 123 0.47 21.51 14.44
CA ALA A 123 0.38 20.08 14.80
C ALA A 123 1.75 19.48 15.14
N HIS A 124 1.74 18.63 16.14
CA HIS A 124 2.87 17.78 16.59
C HIS A 124 2.68 16.39 16.02
N ALA A 125 3.38 16.09 14.92
CA ALA A 125 3.24 14.83 14.21
C ALA A 125 4.49 13.95 14.37
N GLY A 126 4.66 13.40 15.57
CA GLY A 126 5.57 12.27 15.70
C GLY A 126 5.02 11.09 14.92
N TRP A 127 5.75 9.98 14.83
CA TRP A 127 5.25 8.87 14.02
C TRP A 127 3.90 8.41 14.56
N ARG A 128 3.71 8.37 15.88
N ARG A 128 3.72 8.38 15.87
CA ARG A 128 2.49 7.74 16.46
CA ARG A 128 2.51 7.76 16.43
C ARG A 128 1.28 8.62 16.15
C ARG A 128 1.29 8.63 16.10
N GLY A 129 1.42 9.94 16.30
CA GLY A 129 0.32 10.88 16.05
C GLY A 129 0.09 11.09 14.56
N LEU A 130 1.14 11.09 13.79
CA LEU A 130 1.01 11.20 12.32
C LEU A 130 0.23 9.98 11.84
N CYS A 131 0.61 8.81 12.31
CA CYS A 131 -0.10 7.59 11.89
C CYS A 131 -1.59 7.65 12.31
N ALA A 132 -1.86 8.13 13.52
CA ALA A 132 -3.23 8.15 14.11
C ALA A 132 -4.13 9.15 13.39
N GLY A 133 -3.57 10.14 12.69
CA GLY A 133 -4.36 11.16 11.99
C GLY A 133 -4.35 12.56 12.55
N VAL A 134 -3.32 12.95 13.29
CA VAL A 134 -3.32 14.32 13.84
C VAL A 134 -3.42 15.36 12.71
N LEU A 135 -2.71 15.17 11.58
CA LEU A 135 -2.76 16.20 10.51
C LEU A 135 -4.19 16.29 9.93
N GLU A 136 -4.82 15.18 9.63
CA GLU A 136 -6.19 15.15 9.07
C GLU A 136 -7.12 15.80 10.09
N GLU A 137 -6.91 15.49 11.36
CA GLU A 137 -7.80 16.11 12.39
C GLU A 137 -7.58 17.62 12.45
N THR A 138 -6.35 18.08 12.35
CA THR A 138 -6.05 19.53 12.38
C THR A 138 -6.72 20.20 11.19
N VAL A 139 -6.60 19.61 9.99
CA VAL A 139 -7.24 20.21 8.79
C VAL A 139 -8.76 20.27 9.02
N SER A 140 -9.33 19.26 9.61
CA SER A 140 -10.81 19.17 9.76
C SER A 140 -11.33 20.28 10.68
N CYS A 141 -10.49 20.91 11.51
CA CYS A 141 -10.93 21.98 12.42
C CYS A 141 -11.16 23.27 11.62
N PHE A 142 -10.53 23.43 10.46
CA PHE A 142 -10.63 24.67 9.65
C PHE A 142 -12.07 24.81 9.11
N ALA A 143 -12.51 26.06 9.03
CA ALA A 143 -13.80 26.40 8.38
C ALA A 143 -13.59 26.29 6.87
N ASP A 144 -12.46 26.78 6.40
CA ASP A 144 -12.16 26.75 4.95
C ASP A 144 -11.96 25.30 4.50
N ASN A 145 -12.20 25.09 3.22
CA ASN A 145 -11.97 23.85 2.48
C ASN A 145 -10.47 23.57 2.38
N PRO A 146 -10.06 22.28 2.42
CA PRO A 146 -8.63 21.96 2.26
C PRO A 146 -7.96 22.53 1.01
N GLU A 147 -8.69 22.77 -0.08
CA GLU A 147 -8.05 23.32 -1.30
C GLU A 147 -7.48 24.71 -1.01
N ASN A 148 -7.99 25.36 0.05
CA ASN A 148 -7.61 26.75 0.44
C ASN A 148 -6.72 26.77 1.69
N ILE A 149 -6.16 25.61 2.06
CA ILE A 149 -5.22 25.52 3.21
C ILE A 149 -3.79 25.29 2.75
N LEU A 150 -2.87 25.99 3.41
CA LEU A 150 -1.42 25.89 3.22
C LEU A 150 -0.85 25.14 4.40
N ALA A 151 0.16 24.32 4.16
CA ALA A 151 0.87 23.56 5.19
C ALA A 151 2.36 23.81 5.00
N TRP A 152 3.05 23.95 6.14
CA TRP A 152 4.51 24.07 6.21
C TRP A 152 5.03 22.92 7.05
N LEU A 153 5.88 22.11 6.42
CA LEU A 153 6.53 20.97 7.10
C LEU A 153 7.77 21.53 7.81
N GLY A 154 7.75 21.53 9.14
CA GLY A 154 8.88 22.05 9.90
C GLY A 154 10.02 21.03 10.04
N PRO A 155 11.05 21.42 10.79
CA PRO A 155 12.21 20.56 10.95
C PRO A 155 11.89 19.31 11.75
N ALA A 156 12.16 18.16 11.13
CA ALA A 156 11.90 16.84 11.67
C ALA A 156 13.09 15.93 11.41
N ILE A 157 13.01 14.72 11.94
CA ILE A 157 14.05 13.69 11.65
C ILE A 157 13.79 13.17 10.23
N GLY A 158 14.75 13.43 9.35
CA GLY A 158 14.58 13.05 7.93
C GLY A 158 14.96 11.62 7.61
N PRO A 159 14.68 11.16 6.37
CA PRO A 159 14.84 9.76 6.05
C PRO A 159 16.28 9.26 6.04
N ARG A 160 17.26 10.15 6.01
CA ARG A 160 18.67 9.73 6.26
C ARG A 160 18.79 9.02 7.60
N ALA A 161 18.03 9.43 8.65
CA ALA A 161 18.33 9.13 10.08
C ALA A 161 17.19 8.38 10.79
N PHE A 162 15.97 8.43 10.24
CA PHE A 162 14.79 7.93 10.97
C PHE A 162 14.68 6.43 10.78
N GLU A 163 15.51 5.67 11.48
CA GLU A 163 15.47 4.22 11.44
C GLU A 163 14.31 3.74 12.32
N VAL A 164 13.45 2.90 11.78
CA VAL A 164 12.31 2.31 12.55
C VAL A 164 12.21 0.83 12.29
N GLY A 165 11.55 0.09 13.19
CA GLY A 165 11.17 -1.31 13.02
C GLY A 165 9.70 -1.49 12.65
N GLY A 166 9.11 -2.68 12.89
CA GLY A 166 7.68 -3.02 12.64
C GLY A 166 6.69 -2.36 13.57
N GLU A 167 7.04 -1.99 14.80
CA GLU A 167 6.11 -1.22 15.65
C GLU A 167 5.50 -0.14 14.74
N VAL A 168 6.35 0.52 13.95
CA VAL A 168 5.98 1.71 13.13
C VAL A 168 5.44 1.31 11.76
N ARG A 169 6.17 0.52 10.95
CA ARG A 169 5.71 0.23 9.59
C ARG A 169 4.33 -0.45 9.59
N GLU A 170 4.09 -1.42 10.46
CA GLU A 170 2.80 -2.14 10.47
C GLU A 170 1.67 -1.13 10.76
N ALA A 171 1.86 -0.24 11.72
CA ALA A 171 0.87 0.77 12.17
C ALA A 171 0.42 1.61 10.96
N PHE A 172 1.38 2.07 10.18
CA PHE A 172 1.08 2.92 9.01
C PHE A 172 0.40 2.12 7.90
N MET A 173 0.87 0.90 7.66
CA MET A 173 0.32 0.10 6.54
C MET A 173 -1.12 -0.34 6.89
N ALA A 174 -1.49 -0.48 8.19
CA ALA A 174 -2.87 -0.73 8.65
C ALA A 174 -3.82 0.42 8.27
N VAL A 175 -3.37 1.68 8.38
CA VAL A 175 -4.20 2.88 8.14
C VAL A 175 -4.29 3.15 6.64
N ASP A 176 -3.23 2.95 5.85
CA ASP A 176 -3.16 3.42 4.43
C ASP A 176 -1.98 2.69 3.79
N ALA A 177 -2.23 1.62 3.05
CA ALA A 177 -1.18 0.72 2.54
C ALA A 177 -0.11 1.49 1.75
N LYS A 178 -0.49 2.57 1.06
CA LYS A 178 0.42 3.40 0.24
C LYS A 178 1.58 3.97 1.08
N ALA A 179 1.50 3.94 2.40
CA ALA A 179 2.61 4.38 3.27
C ALA A 179 3.87 3.54 3.04
N SER A 180 3.72 2.33 2.51
CA SER A 180 4.85 1.39 2.23
C SER A 180 5.96 2.11 1.45
N ALA A 181 5.63 3.01 0.53
CA ALA A 181 6.63 3.75 -0.26
C ALA A 181 7.61 4.50 0.64
N ALA A 182 7.15 4.93 1.82
CA ALA A 182 7.92 5.85 2.71
C ALA A 182 8.78 5.05 3.67
N PHE A 183 8.88 3.73 3.50
CA PHE A 183 9.70 2.82 4.34
C PHE A 183 10.68 2.11 3.41
N ILE A 184 11.96 2.31 3.64
CA ILE A 184 13.02 1.73 2.78
C ILE A 184 13.81 0.73 3.62
N GLN A 185 13.92 -0.52 3.16
CA GLN A 185 14.68 -1.53 3.91
C GLN A 185 16.10 -0.98 4.15
N HIS A 186 16.60 -1.13 5.39
CA HIS A 186 17.92 -0.61 5.82
C HIS A 186 18.44 -1.59 6.86
N GLY A 187 19.12 -2.65 6.39
CA GLY A 187 19.41 -3.84 7.20
C GLY A 187 18.15 -4.51 7.72
N ASP A 188 18.08 -4.79 9.02
CA ASP A 188 16.91 -5.47 9.62
C ASP A 188 15.82 -4.46 9.95
N LYS A 189 16.09 -3.17 9.74
CA LYS A 189 15.11 -2.10 10.07
C LYS A 189 14.70 -1.41 8.76
N TYR A 190 14.04 -0.27 8.89
CA TYR A 190 13.61 0.54 7.74
C TYR A 190 14.08 1.96 8.00
N LEU A 191 14.35 2.70 6.95
CA LEU A 191 14.35 4.16 7.06
C LEU A 191 12.98 4.66 6.67
N ALA A 192 12.40 5.52 7.50
CA ALA A 192 11.07 6.07 7.26
C ALA A 192 11.23 7.53 6.84
N ASP A 193 10.40 7.95 5.88
CA ASP A 193 10.35 9.33 5.39
C ASP A 193 9.12 10.05 5.93
N ILE A 194 9.33 10.74 7.04
CA ILE A 194 8.20 11.36 7.77
C ILE A 194 7.59 12.47 6.92
N TYR A 195 8.38 13.14 6.08
CA TYR A 195 7.85 14.19 5.22
C TYR A 195 6.93 13.58 4.15
N GLN A 196 7.33 12.46 3.58
CA GLN A 196 6.49 11.74 2.60
C GLN A 196 5.19 11.29 3.26
N LEU A 197 5.27 10.74 4.48
CA LEU A 197 4.05 10.27 5.15
C LEU A 197 3.13 11.46 5.40
N ALA A 198 3.65 12.60 5.83
CA ALA A 198 2.83 13.82 6.01
C ALA A 198 2.20 14.21 4.68
N ARG A 199 2.98 14.20 3.63
CA ARG A 199 2.43 14.63 2.31
C ARG A 199 1.31 13.67 1.90
N GLN A 200 1.43 12.39 2.18
CA GLN A 200 0.31 11.43 1.89
C GLN A 200 -0.94 11.83 2.66
N ARG A 201 -0.81 12.03 3.96
CA ARG A 201 -1.97 12.30 4.81
C ARG A 201 -2.59 13.63 4.39
N LEU A 202 -1.76 14.62 4.09
CA LEU A 202 -2.28 15.95 3.66
C LEU A 202 -3.00 15.80 2.32
N ALA A 203 -2.41 15.09 1.36
CA ALA A 203 -3.12 14.86 0.06
C ALA A 203 -4.43 14.10 0.29
N ASN A 204 -4.47 13.16 1.24
CA ASN A 204 -5.69 12.38 1.53
C ASN A 204 -6.85 13.30 1.88
N VAL A 205 -6.61 14.41 2.59
CA VAL A 205 -7.68 15.36 3.01
C VAL A 205 -7.78 16.53 2.04
N GLY A 206 -7.00 16.55 0.97
CA GLY A 206 -7.07 17.54 -0.11
C GLY A 206 -6.21 18.77 0.09
N VAL A 207 -5.29 18.74 1.05
CA VAL A 207 -4.27 19.81 1.17
C VAL A 207 -3.17 19.56 0.14
N GLU A 208 -3.04 20.54 -0.76
CA GLU A 208 -2.16 20.48 -1.94
C GLU A 208 -0.95 21.42 -1.85
N GLN A 209 -1.12 22.53 -1.13
CA GLN A 209 -0.14 23.64 -1.09
C GLN A 209 0.75 23.32 0.12
N ILE A 210 1.87 22.65 -0.10
CA ILE A 210 2.72 22.12 1.03
C ILE A 210 4.12 22.65 0.80
N PHE A 211 4.72 23.17 1.85
CA PHE A 211 6.03 23.85 1.82
C PHE A 211 6.96 23.27 2.88
N GLY A 212 8.22 23.64 2.82
CA GLY A 212 9.19 23.18 3.84
C GLY A 212 9.64 21.78 3.59
N GLY A 213 10.06 21.08 4.64
CA GLY A 213 10.44 19.67 4.54
C GLY A 213 11.87 19.44 4.08
N ASP A 214 12.74 20.44 4.23
CA ASP A 214 14.14 20.42 3.74
C ASP A 214 15.14 20.17 4.89
N ARG A 215 14.71 20.21 6.14
CA ARG A 215 15.62 20.20 7.32
C ARG A 215 15.73 18.76 7.85
N CYS A 216 16.75 18.56 8.70
CA CYS A 216 16.94 17.26 9.36
C CYS A 216 17.42 17.53 10.79
N THR A 217 16.58 17.25 11.77
CA THR A 217 16.92 17.57 13.17
C THR A 217 18.10 16.73 13.66
N TYR A 218 18.22 15.50 13.22
CA TYR A 218 19.29 14.57 13.64
C TYR A 218 20.60 15.08 13.04
N THR A 219 20.60 15.34 11.74
CA THR A 219 21.84 15.67 11.01
C THR A 219 22.35 17.07 11.36
N GLU A 220 21.46 18.06 11.43
CA GLU A 220 21.78 19.48 11.65
C GLU A 220 21.86 19.77 13.15
N ASN A 221 22.88 19.19 13.77
CA ASN A 221 23.02 19.17 15.25
C ASN A 221 23.49 20.51 15.75
N GLU A 222 24.08 21.39 14.93
CA GLU A 222 24.40 22.77 15.36
C GLU A 222 23.11 23.58 15.57
N THR A 223 22.00 23.16 14.94
CA THR A 223 20.77 23.96 14.88
C THR A 223 19.65 23.35 15.74
N PHE A 224 19.56 22.04 15.78
CA PHE A 224 18.40 21.35 16.40
C PHE A 224 18.76 20.36 17.48
N PHE A 225 17.92 20.31 18.51
CA PHE A 225 17.84 19.13 19.39
C PHE A 225 17.28 17.93 18.63
N SER A 226 17.66 16.74 19.01
CA SER A 226 17.18 15.49 18.40
C SER A 226 17.15 14.42 19.46
N TYR A 227 15.97 13.90 19.75
CA TYR A 227 15.82 12.78 20.72
C TYR A 227 16.63 11.60 20.22
N ARG A 228 16.50 11.25 18.93
CA ARG A 228 17.18 10.06 18.40
C ARG A 228 18.71 10.23 18.50
N ARG A 229 19.21 11.39 18.18
CA ARG A 229 20.68 11.65 18.24
C ARG A 229 21.15 11.64 19.68
N ASP A 230 20.52 12.44 20.55
CA ASP A 230 21.08 12.82 21.88
C ASP A 230 20.54 11.98 23.04
N LYS A 231 19.33 11.42 22.93
CA LYS A 231 18.60 10.66 23.99
C LYS A 231 18.10 11.61 25.07
N THR A 232 18.97 12.18 25.90
CA THR A 232 18.61 13.24 26.84
C THR A 232 18.87 14.55 26.12
N THR A 233 17.82 15.35 25.92
CA THR A 233 17.97 16.55 25.06
C THR A 233 16.83 17.52 25.35
N GLY A 234 16.91 18.66 24.73
CA GLY A 234 15.88 19.67 24.86
C GLY A 234 14.82 19.57 23.78
N ARG A 235 14.02 20.61 23.67
CA ARG A 235 12.87 20.70 22.71
C ARG A 235 12.91 22.08 22.06
N MET A 236 12.75 22.12 20.74
CA MET A 236 12.38 23.31 19.96
C MET A 236 10.86 23.46 19.96
N ALA A 237 10.36 24.52 19.33
CA ALA A 237 8.91 24.60 19.09
C ALA A 237 8.64 25.41 17.83
N SER A 238 7.50 25.12 17.24
CA SER A 238 7.03 25.86 16.06
C SER A 238 5.75 26.60 16.45
N PHE A 239 5.60 27.79 15.88
CA PHE A 239 4.63 28.79 16.33
C PHE A 239 3.95 29.43 15.12
N ILE A 240 2.67 29.69 15.30
CA ILE A 240 1.87 30.43 14.27
C ILE A 240 0.78 31.21 14.99
N TRP A 241 0.46 32.39 14.45
CA TRP A 241 -0.64 33.21 14.97
C TRP A 241 -1.16 34.11 13.87
N LEU A 242 -2.38 34.53 14.11
CA LEU A 242 -2.99 35.67 13.38
C LEU A 242 -2.51 36.97 14.03
N ILE A 243 -1.95 37.84 13.22
CA ILE A 243 -1.40 39.18 13.66
C ILE A 243 -2.59 39.99 14.18
N LYS B 3 -9.53 -39.92 -6.15
CA LYS B 3 -8.13 -39.41 -6.21
C LYS B 3 -8.14 -37.87 -6.34
N LEU B 4 -8.97 -37.33 -7.23
CA LEU B 4 -8.77 -35.96 -7.79
C LEU B 4 -9.76 -34.97 -7.21
N ILE B 5 -9.35 -33.70 -7.15
CA ILE B 5 -10.24 -32.55 -6.82
C ILE B 5 -10.85 -32.03 -8.10
N VAL B 6 -12.18 -31.83 -8.11
CA VAL B 6 -12.86 -31.14 -9.23
C VAL B 6 -13.17 -29.75 -8.72
N PRO B 7 -12.56 -28.72 -9.34
CA PRO B 7 -12.80 -27.34 -8.92
C PRO B 7 -14.30 -27.04 -8.67
N GLN B 8 -14.56 -26.40 -7.52
CA GLN B 8 -15.86 -25.87 -7.06
C GLN B 8 -16.00 -24.49 -7.72
N TRP B 9 -16.57 -24.43 -8.92
CA TRP B 9 -16.80 -23.19 -9.70
C TRP B 9 -17.86 -23.43 -10.76
N PRO B 10 -18.49 -22.37 -11.30
CA PRO B 10 -19.57 -22.54 -12.26
C PRO B 10 -18.91 -22.84 -13.60
N GLN B 11 -18.41 -24.06 -13.69
CA GLN B 11 -17.61 -24.60 -14.80
C GLN B 11 -18.46 -24.53 -16.07
N PRO B 12 -18.01 -23.84 -17.13
CA PRO B 12 -18.69 -23.89 -18.43
C PRO B 12 -18.78 -25.33 -18.97
N LYS B 13 -19.86 -25.69 -19.70
CA LYS B 13 -20.08 -27.07 -20.21
C LYS B 13 -18.91 -27.55 -21.09
N GLY B 14 -18.29 -26.64 -21.81
CA GLY B 14 -17.18 -26.92 -22.75
C GLY B 14 -15.80 -26.92 -22.09
N VAL B 15 -15.73 -26.85 -20.76
CA VAL B 15 -14.47 -26.80 -20.00
C VAL B 15 -14.41 -28.01 -19.07
N ALA B 16 -13.25 -28.63 -19.00
CA ALA B 16 -13.02 -29.65 -17.96
C ALA B 16 -11.72 -29.36 -17.22
N ALA B 17 -11.66 -29.72 -15.93
CA ALA B 17 -10.52 -29.35 -15.10
C ALA B 17 -10.38 -30.37 -13.98
N CYS B 18 -9.18 -30.55 -13.51
CA CYS B 18 -8.94 -31.41 -12.32
C CYS B 18 -7.65 -30.99 -11.66
N SER B 19 -7.47 -31.40 -10.42
CA SER B 19 -6.29 -31.05 -9.61
C SER B 19 -5.98 -32.26 -8.71
N SER B 20 -4.76 -32.77 -8.81
CA SER B 20 -4.41 -34.07 -8.18
C SER B 20 -4.06 -33.88 -6.71
N THR B 21 -4.18 -35.00 -6.01
CA THR B 21 -3.70 -35.12 -4.60
C THR B 21 -2.57 -36.14 -4.61
N ARG B 22 -1.97 -36.39 -3.44
CA ARG B 22 -0.89 -37.38 -3.32
C ARG B 22 -1.48 -38.81 -3.28
N ILE B 23 -2.81 -38.96 -3.20
CA ILE B 23 -3.47 -40.29 -3.05
C ILE B 23 -3.57 -40.97 -4.43
N GLY B 24 -3.27 -42.27 -4.50
CA GLY B 24 -3.74 -43.12 -5.61
C GLY B 24 -2.66 -43.55 -6.59
N GLY B 25 -1.39 -43.30 -6.30
CA GLY B 25 -0.31 -43.67 -7.21
C GLY B 25 0.53 -44.80 -6.64
N VAL B 26 1.76 -44.92 -7.12
CA VAL B 26 2.64 -46.07 -6.78
C VAL B 26 3.96 -45.60 -6.18
N SER B 27 4.17 -44.30 -6.00
CA SER B 27 5.48 -43.83 -5.52
C SER B 27 5.63 -44.14 -4.03
N LEU B 28 6.89 -44.19 -3.59
CA LEU B 28 7.28 -44.41 -2.17
C LEU B 28 7.59 -43.09 -1.48
N PRO B 29 7.44 -43.01 -0.12
CA PRO B 29 7.79 -41.79 0.62
C PRO B 29 9.20 -41.37 0.23
N PRO B 30 9.47 -40.06 0.11
CA PRO B 30 8.55 -38.97 0.44
C PRO B 30 7.68 -38.51 -0.75
N TYR B 31 7.62 -39.33 -1.79
CA TYR B 31 6.81 -39.10 -3.03
C TYR B 31 5.47 -39.84 -2.96
N ASP B 32 5.14 -40.42 -1.80
CA ASP B 32 3.96 -41.31 -1.67
C ASP B 32 2.71 -40.47 -1.90
N SER B 33 1.86 -40.82 -2.90
CA SER B 33 2.11 -41.87 -3.87
C SER B 33 1.90 -41.37 -5.33
N LEU B 34 0.96 -40.44 -5.57
CA LEU B 34 0.66 -39.98 -6.95
C LEU B 34 1.58 -38.80 -7.24
N ASN B 35 2.88 -39.06 -7.27
CA ASN B 35 3.88 -38.03 -7.63
C ASN B 35 3.84 -37.86 -9.16
N LEU B 36 3.50 -36.66 -9.61
CA LEU B 36 3.47 -36.39 -11.07
C LEU B 36 4.70 -35.62 -11.52
N GLY B 37 5.58 -35.28 -10.58
CA GLY B 37 6.82 -34.50 -10.77
C GLY B 37 7.94 -35.36 -11.29
N ALA B 38 8.47 -35.07 -12.46
CA ALA B 38 9.54 -35.86 -13.13
C ALA B 38 10.95 -35.35 -12.84
N HIS B 39 11.14 -34.30 -12.04
CA HIS B 39 12.49 -33.72 -11.78
C HIS B 39 12.66 -33.48 -10.28
N CYS B 40 12.08 -34.31 -9.40
CA CYS B 40 12.17 -34.10 -7.93
C CYS B 40 12.81 -35.31 -7.23
N GLY B 41 13.41 -36.22 -7.99
CA GLY B 41 14.27 -37.31 -7.49
C GLY B 41 13.57 -38.65 -7.40
N ASP B 42 12.32 -38.76 -7.86
CA ASP B 42 11.53 -40.02 -7.71
C ASP B 42 11.97 -41.00 -8.80
N ASN B 43 11.61 -42.27 -8.62
CA ASN B 43 11.72 -43.35 -9.64
C ASN B 43 10.87 -42.95 -10.84
N PRO B 44 11.49 -42.76 -12.02
CA PRO B 44 10.75 -42.42 -13.24
C PRO B 44 9.68 -43.41 -13.76
N ASP B 45 9.80 -44.72 -13.53
CA ASP B 45 8.72 -45.70 -13.85
C ASP B 45 7.47 -45.36 -13.02
N HIS B 46 7.69 -45.06 -11.74
CA HIS B 46 6.62 -44.66 -10.78
C HIS B 46 5.95 -43.38 -11.30
N VAL B 47 6.73 -42.36 -11.63
CA VAL B 47 6.14 -41.09 -12.15
C VAL B 47 5.32 -41.40 -13.42
N GLU B 48 5.83 -42.19 -14.37
CA GLU B 48 5.10 -42.53 -15.61
C GLU B 48 3.78 -43.21 -15.28
N GLU B 49 3.79 -44.20 -14.39
CA GLU B 49 2.55 -44.89 -13.96
C GLU B 49 1.58 -43.88 -13.33
N ASN B 50 2.11 -42.98 -12.49
CA ASN B 50 1.28 -41.98 -11.78
C ASN B 50 0.62 -41.09 -12.85
N ARG B 51 1.37 -40.72 -13.88
CA ARG B 51 0.87 -39.85 -14.97
C ARG B 51 -0.22 -40.61 -15.73
N LYS B 52 0.03 -41.87 -16.08
CA LYS B 52 -1.03 -42.68 -16.76
C LYS B 52 -2.30 -42.74 -15.90
N ARG B 53 -2.17 -42.99 -14.59
CA ARG B 53 -3.33 -43.00 -13.69
C ARG B 53 -4.05 -41.67 -13.73
N LEU B 54 -3.32 -40.56 -13.77
CA LEU B 54 -3.98 -39.26 -13.83
C LEU B 54 -4.69 -39.09 -15.18
N PHE B 55 -4.06 -39.48 -16.28
CA PHE B 55 -4.73 -39.33 -17.59
C PHE B 55 -6.14 -39.95 -17.55
N ALA B 56 -6.23 -41.15 -16.97
CA ALA B 56 -7.51 -41.89 -16.91
C ALA B 56 -8.48 -41.22 -15.95
N ALA B 57 -8.02 -41.00 -14.71
CA ALA B 57 -8.88 -40.50 -13.63
C ALA B 57 -9.45 -39.12 -13.96
N GLY B 58 -8.65 -38.31 -14.65
CA GLY B 58 -8.99 -36.93 -15.02
C GLY B 58 -9.73 -36.84 -16.34
N ASN B 59 -9.80 -37.94 -17.11
CA ASN B 59 -10.43 -37.95 -18.44
C ASN B 59 -9.70 -36.97 -19.36
N LEU B 60 -8.37 -36.95 -19.30
CA LEU B 60 -7.63 -36.02 -20.19
C LEU B 60 -7.79 -36.50 -21.63
N PRO B 61 -8.09 -35.60 -22.58
CA PRO B 61 -8.26 -36.01 -23.96
C PRO B 61 -6.97 -36.08 -24.78
N SER B 62 -5.90 -35.54 -24.22
CA SER B 62 -4.55 -35.59 -24.82
C SER B 62 -3.53 -35.48 -23.70
N LYS B 63 -2.31 -35.84 -24.02
CA LYS B 63 -1.19 -35.68 -23.09
C LYS B 63 -1.00 -34.21 -22.76
N PRO B 64 -0.83 -33.88 -21.47
CA PRO B 64 -0.64 -32.49 -21.02
C PRO B 64 0.65 -31.95 -21.61
N VAL B 65 0.63 -30.65 -21.86
CA VAL B 65 1.88 -29.90 -22.16
C VAL B 65 2.60 -29.54 -20.86
N TRP B 66 3.47 -30.43 -20.38
CA TRP B 66 4.32 -30.18 -19.19
C TRP B 66 5.27 -29.04 -19.51
N LEU B 67 5.36 -28.08 -18.63
CA LEU B 67 6.29 -26.96 -18.79
C LEU B 67 7.61 -27.26 -18.09
N GLU B 68 8.64 -26.58 -18.57
CA GLU B 68 9.90 -26.40 -17.81
C GLU B 68 9.73 -25.15 -16.93
N GLN B 69 9.22 -25.36 -15.72
CA GLN B 69 8.83 -24.33 -14.75
C GLN B 69 10.10 -23.75 -14.15
N VAL B 70 10.21 -22.42 -14.10
CA VAL B 70 11.41 -21.72 -13.57
C VAL B 70 11.00 -20.65 -12.58
N HIS B 71 9.77 -20.68 -12.08
CA HIS B 71 9.30 -19.69 -11.08
C HIS B 71 9.39 -18.31 -11.72
N GLY B 72 9.12 -18.21 -13.03
CA GLY B 72 9.09 -16.90 -13.73
C GLY B 72 7.65 -16.48 -14.06
N LYS B 73 7.53 -15.53 -14.98
CA LYS B 73 6.19 -15.02 -15.36
C LYS B 73 5.90 -15.28 -16.84
N ASP B 74 6.59 -16.21 -17.49
CA ASP B 74 6.41 -16.44 -18.95
C ASP B 74 5.22 -17.40 -19.16
N VAL B 75 4.44 -17.13 -20.18
CA VAL B 75 3.28 -17.92 -20.61
C VAL B 75 3.57 -18.56 -21.95
N LEU B 76 3.34 -19.86 -22.03
CA LEU B 76 3.45 -20.60 -23.29
C LEU B 76 2.07 -20.70 -23.94
N LYS B 77 1.87 -20.06 -25.08
CA LYS B 77 0.61 -20.23 -25.83
C LYS B 77 0.67 -21.57 -26.52
N LEU B 78 -0.29 -22.45 -26.23
CA LEU B 78 -0.25 -23.86 -26.67
C LEU B 78 -0.80 -23.97 -28.09
N THR B 79 0.06 -23.61 -29.04
CA THR B 79 -0.24 -23.50 -30.48
C THR B 79 0.15 -24.81 -31.14
N GLY B 80 0.72 -25.75 -30.40
CA GLY B 80 1.00 -27.09 -30.92
C GLY B 80 2.46 -27.42 -31.06
N GLU B 81 2.73 -28.72 -30.96
CA GLU B 81 4.07 -29.32 -31.07
C GLU B 81 4.57 -29.08 -32.49
N PRO B 82 5.89 -28.90 -32.66
CA PRO B 82 6.84 -28.80 -31.55
C PRO B 82 7.08 -27.36 -31.04
N TYR B 83 7.54 -27.25 -29.80
CA TYR B 83 7.86 -25.98 -29.11
C TYR B 83 9.38 -25.88 -29.01
N ALA B 84 9.96 -24.78 -29.51
CA ALA B 84 11.40 -24.46 -29.33
C ALA B 84 11.76 -24.60 -27.84
N SER B 85 10.97 -23.92 -26.99
CA SER B 85 11.15 -23.83 -25.52
C SER B 85 9.81 -24.06 -24.80
N LYS B 86 9.82 -24.86 -23.75
CA LYS B 86 8.65 -24.95 -22.85
C LYS B 86 9.00 -24.29 -21.52
N ARG B 87 10.03 -23.46 -21.54
CA ARG B 87 10.49 -22.69 -20.38
C ARG B 87 9.43 -21.64 -20.09
N ALA B 88 8.58 -21.92 -19.14
CA ALA B 88 7.43 -21.05 -18.83
C ALA B 88 6.80 -21.53 -17.54
N ASP B 89 6.00 -20.68 -16.92
CA ASP B 89 5.29 -21.03 -15.67
C ASP B 89 3.79 -20.90 -15.81
N ALA B 90 3.30 -20.75 -17.02
CA ALA B 90 1.86 -20.75 -17.28
C ALA B 90 1.65 -21.13 -18.72
N SER B 91 0.46 -21.54 -19.07
CA SER B 91 0.11 -21.88 -20.47
C SER B 91 -1.33 -21.46 -20.72
N TYR B 92 -1.59 -21.17 -21.97
CA TYR B 92 -2.88 -20.66 -22.48
C TYR B 92 -3.30 -21.50 -23.69
N SER B 93 -4.60 -21.81 -23.76
CA SER B 93 -5.14 -22.52 -24.92
C SER B 93 -6.48 -21.96 -25.33
N ASN B 94 -6.69 -21.82 -26.63
CA ASN B 94 -8.05 -21.64 -27.17
C ASN B 94 -8.31 -22.79 -28.16
N THR B 95 -7.61 -23.92 -27.99
CA THR B 95 -7.67 -25.08 -28.89
C THR B 95 -8.34 -26.26 -28.20
N PRO B 96 -9.58 -26.64 -28.59
CA PRO B 96 -10.24 -27.82 -28.04
C PRO B 96 -9.31 -29.03 -28.05
N GLY B 97 -9.27 -29.73 -26.91
CA GLY B 97 -8.49 -30.97 -26.72
C GLY B 97 -7.12 -30.74 -26.11
N THR B 98 -6.58 -29.52 -26.16
CA THR B 98 -5.22 -29.23 -25.64
C THR B 98 -5.27 -29.05 -24.12
N VAL B 99 -4.38 -29.70 -23.40
CA VAL B 99 -4.40 -29.68 -21.90
C VAL B 99 -3.30 -28.75 -21.40
N CYS B 100 -3.70 -27.71 -20.67
CA CYS B 100 -2.80 -26.87 -19.87
C CYS B 100 -2.56 -27.55 -18.53
N ALA B 101 -1.32 -27.57 -18.08
CA ALA B 101 -0.96 -28.27 -16.84
C ALA B 101 0.14 -27.47 -16.13
N VAL B 102 0.04 -27.44 -14.81
CA VAL B 102 1.07 -26.84 -13.91
C VAL B 102 1.31 -27.75 -12.70
N MET B 103 2.55 -27.87 -12.31
CA MET B 103 2.99 -28.79 -11.23
C MET B 103 3.31 -27.99 -9.98
N THR B 104 2.84 -28.42 -8.81
CA THR B 104 2.97 -27.64 -7.55
C THR B 104 3.18 -28.56 -6.35
N ALA B 105 3.77 -27.96 -5.32
CA ALA B 105 3.82 -28.56 -3.96
C ALA B 105 4.03 -27.41 -2.98
N ASP B 106 3.09 -26.49 -2.94
CA ASP B 106 2.90 -25.30 -2.05
C ASP B 106 2.57 -24.07 -2.93
N ALA B 107 3.21 -23.96 -4.07
CA ALA B 107 2.97 -22.86 -5.02
C ALA B 107 1.48 -22.89 -5.40
N LEU B 108 0.93 -21.72 -5.69
CA LEU B 108 -0.48 -21.63 -6.06
C LEU B 108 -0.67 -22.05 -7.51
N PRO B 109 -1.48 -23.10 -7.77
CA PRO B 109 -1.95 -23.39 -9.13
C PRO B 109 -3.18 -22.52 -9.32
N VAL B 110 -3.25 -21.80 -10.44
CA VAL B 110 -4.50 -21.07 -10.83
C VAL B 110 -4.97 -21.63 -12.17
N LEU B 111 -6.21 -22.07 -12.19
CA LEU B 111 -6.84 -22.48 -13.45
C LEU B 111 -7.84 -21.44 -13.91
N PHE B 112 -7.79 -21.13 -15.18
CA PHE B 112 -8.61 -20.05 -15.75
C PHE B 112 -9.48 -20.60 -16.87
N CYS B 113 -10.67 -20.04 -17.00
CA CYS B 113 -11.46 -20.23 -18.21
C CYS B 113 -12.34 -18.99 -18.40
N ASN B 114 -12.90 -18.82 -19.59
CA ASN B 114 -13.95 -17.81 -19.71
C ASN B 114 -15.33 -18.43 -19.56
N ARG B 115 -16.31 -17.61 -19.15
CA ARG B 115 -17.71 -18.10 -18.97
C ARG B 115 -18.21 -18.83 -20.20
N ALA B 116 -17.84 -18.42 -21.40
CA ALA B 116 -18.34 -18.99 -22.67
C ALA B 116 -17.67 -20.31 -23.02
N GLY B 117 -16.62 -20.70 -22.30
CA GLY B 117 -15.95 -21.98 -22.59
C GLY B 117 -15.30 -22.05 -23.94
N THR B 118 -14.53 -21.01 -24.28
CA THR B 118 -13.75 -20.91 -25.51
C THR B 118 -12.28 -20.55 -25.26
N GLU B 119 -11.85 -20.32 -24.00
CA GLU B 119 -10.43 -20.04 -23.68
C GLU B 119 -10.11 -20.59 -22.28
N VAL B 120 -8.94 -21.17 -22.09
CA VAL B 120 -8.49 -21.74 -20.80
C VAL B 120 -7.02 -21.39 -20.60
N ALA B 121 -6.57 -21.47 -19.35
CA ALA B 121 -5.16 -21.29 -19.06
C ALA B 121 -4.86 -21.90 -17.70
N ALA B 122 -3.59 -22.09 -17.40
CA ALA B 122 -3.13 -22.58 -16.10
C ALA B 122 -1.83 -21.84 -15.76
N ALA B 123 -1.70 -21.48 -14.50
CA ALA B 123 -0.52 -20.76 -14.00
C ALA B 123 0.04 -21.39 -12.73
N HIS B 124 1.37 -21.44 -12.70
CA HIS B 124 2.18 -21.84 -11.53
C HIS B 124 2.66 -20.59 -10.80
N ALA B 125 1.98 -20.24 -9.73
CA ALA B 125 2.25 -18.99 -8.98
C ALA B 125 2.85 -19.36 -7.61
N GLY B 126 4.12 -19.70 -7.65
CA GLY B 126 4.96 -19.61 -6.43
C GLY B 126 5.12 -18.15 -6.02
N TRP B 127 5.72 -17.89 -4.88
CA TRP B 127 5.81 -16.46 -4.45
C TRP B 127 6.61 -15.65 -5.45
N ARG B 128 7.65 -16.20 -6.07
CA ARG B 128 8.49 -15.45 -7.04
C ARG B 128 7.69 -15.08 -8.25
N GLY B 129 7.01 -16.06 -8.86
CA GLY B 129 6.28 -15.75 -10.10
C GLY B 129 5.01 -14.99 -9.81
N LEU B 130 4.35 -15.25 -8.71
CA LEU B 130 3.17 -14.45 -8.28
C LEU B 130 3.63 -12.99 -8.21
N CYS B 131 4.73 -12.73 -7.51
CA CYS B 131 5.21 -11.34 -7.36
C CYS B 131 5.49 -10.73 -8.74
N ALA B 132 6.16 -11.48 -9.60
CA ALA B 132 6.62 -10.99 -10.89
C ALA B 132 5.47 -10.73 -11.83
N GLY B 133 4.29 -11.32 -11.61
CA GLY B 133 3.08 -11.04 -12.43
C GLY B 133 2.66 -12.18 -13.37
N VAL B 134 2.98 -13.42 -13.02
CA VAL B 134 2.54 -14.56 -13.87
C VAL B 134 1.02 -14.58 -14.01
N LEU B 135 0.24 -14.21 -12.98
CA LEU B 135 -1.24 -14.25 -13.14
C LEU B 135 -1.66 -13.17 -14.14
N GLU B 136 -1.14 -11.96 -13.99
CA GLU B 136 -1.51 -10.86 -14.90
C GLU B 136 -1.07 -11.21 -16.34
N GLU B 137 0.13 -11.79 -16.52
CA GLU B 137 0.61 -12.21 -17.85
C GLU B 137 -0.35 -13.26 -18.45
N THR B 138 -0.78 -14.20 -17.63
CA THR B 138 -1.72 -15.23 -18.14
C THR B 138 -3.03 -14.58 -18.56
N VAL B 139 -3.58 -13.70 -17.73
CA VAL B 139 -4.84 -13.00 -18.08
C VAL B 139 -4.67 -12.23 -19.39
N SER B 140 -3.52 -11.65 -19.60
CA SER B 140 -3.22 -10.85 -20.83
C SER B 140 -3.35 -11.69 -22.10
N CYS B 141 -3.24 -13.01 -22.01
CA CYS B 141 -3.32 -13.85 -23.21
C CYS B 141 -4.77 -14.03 -23.68
N PHE B 142 -5.74 -13.79 -22.81
CA PHE B 142 -7.18 -13.95 -23.13
C PHE B 142 -7.64 -12.87 -24.10
N ALA B 143 -8.45 -13.29 -25.04
CA ALA B 143 -9.20 -12.36 -25.92
C ALA B 143 -10.39 -11.75 -25.15
N ASP B 144 -11.05 -12.53 -24.33
CA ASP B 144 -12.29 -12.11 -23.66
C ASP B 144 -12.02 -10.94 -22.73
N ASN B 145 -13.11 -10.25 -22.39
CA ASN B 145 -13.07 -9.21 -21.34
C ASN B 145 -12.67 -9.91 -20.04
N PRO B 146 -11.76 -9.35 -19.23
CA PRO B 146 -11.42 -9.96 -17.94
C PRO B 146 -12.61 -10.20 -17.01
N GLU B 147 -13.71 -9.44 -17.13
CA GLU B 147 -14.90 -9.64 -16.26
C GLU B 147 -15.49 -11.04 -16.52
N ASN B 148 -15.23 -11.62 -17.68
CA ASN B 148 -15.78 -12.95 -18.06
C ASN B 148 -14.82 -14.07 -17.71
N ILE B 149 -13.67 -13.80 -17.09
CA ILE B 149 -12.67 -14.85 -16.78
C ILE B 149 -12.92 -15.38 -15.38
N LEU B 150 -13.10 -16.70 -15.29
CA LEU B 150 -13.20 -17.38 -13.98
C LEU B 150 -11.80 -17.85 -13.62
N ALA B 151 -11.41 -17.65 -12.39
CA ALA B 151 -10.12 -18.15 -11.88
C ALA B 151 -10.35 -19.01 -10.65
N TRP B 152 -9.76 -20.18 -10.62
CA TRP B 152 -9.85 -21.15 -9.51
C TRP B 152 -8.49 -21.22 -8.86
N LEU B 153 -8.47 -20.90 -7.57
CA LEU B 153 -7.24 -20.93 -6.75
C LEU B 153 -7.09 -22.35 -6.21
N GLY B 154 -6.13 -23.08 -6.72
CA GLY B 154 -5.91 -24.48 -6.34
C GLY B 154 -5.20 -24.60 -4.97
N PRO B 155 -4.97 -25.83 -4.51
CA PRO B 155 -4.35 -26.09 -3.20
C PRO B 155 -2.91 -25.57 -3.21
N ALA B 156 -2.62 -24.74 -2.22
CA ALA B 156 -1.36 -24.03 -2.01
C ALA B 156 -1.06 -24.00 -0.52
N ILE B 157 0.11 -23.47 -0.19
CA ILE B 157 0.49 -23.24 1.24
C ILE B 157 -0.29 -22.02 1.76
N GLY B 158 -1.13 -22.22 2.78
CA GLY B 158 -2.03 -21.18 3.30
C GLY B 158 -1.35 -20.33 4.37
N PRO B 159 -1.97 -19.21 4.81
CA PRO B 159 -1.26 -18.27 5.66
C PRO B 159 -0.96 -18.85 7.05
N ARG B 160 -1.57 -19.97 7.45
CA ARG B 160 -1.22 -20.68 8.73
C ARG B 160 0.24 -21.08 8.66
N ALA B 161 0.73 -21.50 7.49
CA ALA B 161 2.04 -22.17 7.32
C ALA B 161 3.05 -21.36 6.51
N PHE B 162 2.67 -20.34 5.74
CA PHE B 162 3.58 -19.70 4.76
C PHE B 162 4.33 -18.53 5.41
N GLU B 163 5.30 -18.91 6.26
CA GLU B 163 6.23 -17.96 6.91
C GLU B 163 7.26 -17.45 5.89
N VAL B 164 7.39 -16.14 5.72
CA VAL B 164 8.40 -15.56 4.79
C VAL B 164 9.17 -14.41 5.45
N GLY B 165 10.37 -14.16 4.93
CA GLY B 165 11.25 -13.06 5.36
C GLY B 165 10.90 -11.75 4.68
N GLY B 166 11.60 -10.68 5.05
CA GLY B 166 11.34 -9.32 4.55
C GLY B 166 11.63 -9.21 3.08
N GLU B 167 12.52 -10.06 2.55
CA GLU B 167 12.93 -10.04 1.12
C GLU B 167 11.70 -10.32 0.24
N VAL B 168 10.84 -11.28 0.64
CA VAL B 168 9.55 -11.63 -0.05
C VAL B 168 8.56 -10.47 0.13
N ARG B 169 8.39 -10.02 1.38
CA ARG B 169 7.55 -8.85 1.72
C ARG B 169 7.96 -7.64 0.85
N GLU B 170 9.24 -7.24 0.84
CA GLU B 170 9.69 -6.06 0.06
C GLU B 170 9.39 -6.22 -1.43
N ALA B 171 9.60 -7.43 -1.98
CA ALA B 171 9.45 -7.67 -3.43
C ALA B 171 7.98 -7.39 -3.83
N PHE B 172 7.05 -7.85 -2.99
CA PHE B 172 5.60 -7.65 -3.19
C PHE B 172 5.25 -6.17 -3.00
N MET B 173 5.85 -5.53 -2.01
CA MET B 173 5.40 -4.13 -1.83
C MET B 173 6.00 -3.15 -2.84
N ALA B 174 7.12 -3.44 -3.52
CA ALA B 174 7.66 -2.71 -4.68
C ALA B 174 6.78 -2.78 -5.93
N VAL B 175 5.87 -3.72 -6.02
CA VAL B 175 4.99 -3.87 -7.20
C VAL B 175 3.68 -3.16 -6.86
N ASP B 176 3.21 -3.35 -5.63
CA ASP B 176 1.81 -3.06 -5.21
C ASP B 176 1.71 -3.07 -3.67
N ALA B 177 1.55 -1.90 -3.04
CA ALA B 177 1.53 -1.70 -1.57
C ALA B 177 0.42 -2.48 -0.85
N LYS B 178 -0.73 -2.70 -1.51
CA LYS B 178 -1.93 -3.40 -0.95
C LYS B 178 -1.50 -4.78 -0.41
N ALA B 179 -0.38 -5.33 -0.91
CA ALA B 179 0.17 -6.63 -0.46
C ALA B 179 0.43 -6.66 1.04
N SER B 180 0.64 -5.48 1.66
CA SER B 180 0.78 -5.36 3.14
C SER B 180 -0.38 -6.06 3.83
N ALA B 181 -1.61 -5.98 3.29
CA ALA B 181 -2.77 -6.62 3.96
C ALA B 181 -2.58 -8.14 4.07
N ALA B 182 -1.77 -8.74 3.18
CA ALA B 182 -1.58 -10.18 3.03
C ALA B 182 -0.38 -10.65 3.83
N PHE B 183 0.28 -9.71 4.53
CA PHE B 183 1.45 -10.01 5.39
C PHE B 183 1.16 -9.55 6.82
N ILE B 184 1.25 -10.48 7.75
CA ILE B 184 1.10 -10.21 9.20
C ILE B 184 2.45 -10.51 9.86
N GLN B 185 3.06 -9.48 10.45
CA GLN B 185 4.30 -9.59 11.24
C GLN B 185 4.16 -10.83 12.12
N HIS B 186 5.21 -11.64 12.18
CA HIS B 186 5.28 -12.93 12.91
C HIS B 186 6.74 -13.12 13.38
N GLY B 187 7.09 -12.52 14.52
CA GLY B 187 8.36 -12.75 15.27
C GLY B 187 9.58 -12.94 14.37
N ASP B 188 10.06 -11.83 13.77
CA ASP B 188 11.22 -11.71 12.83
C ASP B 188 10.76 -11.80 11.38
N LYS B 189 9.77 -12.66 11.11
CA LYS B 189 9.25 -13.02 9.77
C LYS B 189 7.81 -12.50 9.62
N TYR B 190 7.09 -12.99 8.61
CA TYR B 190 5.69 -12.64 8.32
C TYR B 190 4.94 -13.95 8.03
N LEU B 191 3.63 -13.94 8.25
CA LEU B 191 2.74 -14.91 7.58
C LEU B 191 2.25 -14.24 6.33
N ALA B 192 2.36 -14.95 5.18
CA ALA B 192 1.92 -14.46 3.85
C ALA B 192 0.67 -15.23 3.38
N ASP B 193 -0.33 -14.48 2.92
CA ASP B 193 -1.57 -15.11 2.38
C ASP B 193 -1.46 -15.08 0.85
N ILE B 194 -1.06 -16.23 0.30
CA ILE B 194 -0.80 -16.42 -1.15
C ILE B 194 -2.12 -16.27 -1.93
N TYR B 195 -3.23 -16.71 -1.33
CA TYR B 195 -4.57 -16.58 -1.95
C TYR B 195 -4.97 -15.12 -2.08
N GLN B 196 -4.75 -14.36 -0.99
CA GLN B 196 -5.07 -12.93 -0.91
C GLN B 196 -4.22 -12.17 -1.96
N LEU B 197 -2.94 -12.50 -2.05
CA LEU B 197 -2.06 -11.84 -3.05
C LEU B 197 -2.54 -12.15 -4.46
N ALA B 198 -2.88 -13.41 -4.74
CA ALA B 198 -3.46 -13.79 -6.05
C ALA B 198 -4.76 -13.03 -6.30
N ARG B 199 -5.65 -12.90 -5.33
CA ARG B 199 -6.92 -12.14 -5.55
C ARG B 199 -6.61 -10.69 -5.85
N GLN B 200 -5.61 -10.13 -5.16
CA GLN B 200 -5.19 -8.73 -5.46
C GLN B 200 -4.70 -8.63 -6.91
N ARG B 201 -3.80 -9.51 -7.31
CA ARG B 201 -3.21 -9.38 -8.66
C ARG B 201 -4.27 -9.62 -9.74
N LEU B 202 -5.17 -10.57 -9.50
CA LEU B 202 -6.26 -10.84 -10.46
C LEU B 202 -7.17 -9.60 -10.57
N ALA B 203 -7.51 -9.00 -9.41
CA ALA B 203 -8.43 -7.84 -9.42
C ALA B 203 -7.70 -6.68 -10.10
N ASN B 204 -6.37 -6.64 -9.97
CA ASN B 204 -5.60 -5.58 -10.65
C ASN B 204 -5.81 -5.56 -12.17
N VAL B 205 -6.07 -6.71 -12.80
CA VAL B 205 -6.31 -6.85 -14.25
C VAL B 205 -7.78 -7.21 -14.53
N GLY B 206 -8.68 -6.93 -13.59
CA GLY B 206 -10.11 -6.97 -13.89
C GLY B 206 -10.74 -8.34 -13.70
N VAL B 207 -9.98 -9.31 -13.20
CA VAL B 207 -10.58 -10.63 -12.90
C VAL B 207 -11.04 -10.67 -11.45
N GLU B 208 -12.36 -10.80 -11.28
CA GLU B 208 -12.93 -10.85 -9.92
C GLU B 208 -13.86 -12.04 -9.73
N GLN B 209 -14.07 -12.90 -10.72
CA GLN B 209 -14.78 -14.20 -10.51
C GLN B 209 -13.78 -15.23 -10.01
N ILE B 210 -13.56 -15.29 -8.70
CA ILE B 210 -12.49 -16.14 -8.12
C ILE B 210 -13.10 -17.23 -7.24
N PHE B 211 -12.56 -18.43 -7.36
CA PHE B 211 -13.07 -19.63 -6.66
C PHE B 211 -11.91 -20.34 -5.98
N GLY B 212 -12.22 -21.28 -5.10
CA GLY B 212 -11.22 -22.13 -4.43
C GLY B 212 -10.57 -21.43 -3.26
N GLY B 213 -9.34 -21.80 -2.96
CA GLY B 213 -8.49 -21.12 -1.95
C GLY B 213 -8.80 -21.53 -0.52
N ASP B 214 -9.37 -22.73 -0.32
CA ASP B 214 -9.84 -23.24 1.00
C ASP B 214 -8.85 -24.25 1.56
N ARG B 215 -7.86 -24.68 0.79
CA ARG B 215 -6.98 -25.80 1.16
C ARG B 215 -5.65 -25.24 1.69
N CYS B 216 -4.84 -26.13 2.25
CA CYS B 216 -3.49 -25.79 2.75
C CYS B 216 -2.60 -27.01 2.57
N THR B 217 -1.65 -26.95 1.65
CA THR B 217 -0.78 -28.09 1.26
C THR B 217 0.08 -28.54 2.47
N TYR B 218 0.54 -27.58 3.28
CA TYR B 218 1.36 -27.86 4.49
C TYR B 218 0.49 -28.57 5.56
N THR B 219 -0.65 -27.99 5.92
CA THR B 219 -1.49 -28.45 7.06
C THR B 219 -2.10 -29.82 6.71
N GLU B 220 -2.56 -30.01 5.46
CA GLU B 220 -3.25 -31.24 5.02
C GLU B 220 -2.26 -32.21 4.39
N ASN B 221 -1.35 -32.73 5.21
CA ASN B 221 -0.13 -33.43 4.76
C ASN B 221 -0.53 -34.83 4.29
N GLU B 222 -1.73 -35.29 4.66
CA GLU B 222 -2.30 -36.59 4.24
C GLU B 222 -2.79 -36.47 2.79
N THR B 223 -3.09 -35.24 2.34
CA THR B 223 -3.73 -35.01 1.01
C THR B 223 -2.72 -34.47 0.00
N PHE B 224 -1.75 -33.65 0.42
CA PHE B 224 -0.89 -32.88 -0.52
C PHE B 224 0.57 -33.04 -0.16
N PHE B 225 1.45 -33.09 -1.16
CA PHE B 225 2.90 -32.78 -1.02
C PHE B 225 3.09 -31.30 -0.66
N SER B 226 4.08 -31.03 0.19
CA SER B 226 4.43 -29.66 0.64
C SER B 226 5.94 -29.53 0.72
N TYR B 227 6.53 -28.74 -0.17
CA TYR B 227 7.99 -28.43 -0.18
C TYR B 227 8.36 -27.84 1.17
N ARG B 228 7.52 -27.00 1.78
CA ARG B 228 7.85 -26.32 3.06
C ARG B 228 7.93 -27.39 4.14
N ARG B 229 7.15 -28.46 4.02
CA ARG B 229 7.12 -29.57 5.02
C ARG B 229 8.27 -30.56 4.76
N ASP B 230 8.59 -30.87 3.51
CA ASP B 230 9.71 -31.75 3.12
C ASP B 230 10.31 -31.20 1.82
N LYS B 231 11.56 -30.74 1.83
CA LYS B 231 12.24 -30.14 0.65
C LYS B 231 12.30 -31.18 -0.46
N THR B 232 12.42 -32.46 -0.09
CA THR B 232 12.34 -33.59 -1.03
C THR B 232 10.92 -34.16 -0.92
N THR B 233 10.09 -33.96 -1.94
CA THR B 233 8.66 -34.38 -1.95
C THR B 233 8.21 -34.46 -3.41
N GLY B 234 6.99 -34.98 -3.58
CA GLY B 234 6.40 -35.12 -4.91
C GLY B 234 5.84 -33.79 -5.35
N ARG B 235 5.08 -33.87 -6.44
CA ARG B 235 4.34 -32.73 -7.00
C ARG B 235 2.93 -33.19 -7.40
N MET B 236 1.95 -32.38 -7.02
CA MET B 236 0.61 -32.43 -7.58
C MET B 236 0.64 -31.69 -8.91
N ALA B 237 -0.46 -31.78 -9.63
CA ALA B 237 -0.62 -30.93 -10.82
C ALA B 237 -2.09 -30.58 -10.96
N SER B 238 -2.28 -29.47 -11.64
CA SER B 238 -3.60 -28.92 -11.95
C SER B 238 -3.72 -28.78 -13.47
N PHE B 239 -4.85 -29.17 -13.97
CA PHE B 239 -5.08 -29.31 -15.43
C PHE B 239 -6.40 -28.72 -15.87
N ILE B 240 -6.41 -28.10 -17.05
CA ILE B 240 -7.65 -27.56 -17.62
C ILE B 240 -7.57 -27.67 -19.13
N TRP B 241 -8.73 -27.86 -19.74
CA TRP B 241 -8.84 -27.95 -21.20
C TRP B 241 -10.22 -27.63 -21.68
N LEU B 242 -10.29 -27.24 -22.95
CA LEU B 242 -11.57 -27.19 -23.71
C LEU B 242 -11.90 -28.60 -24.22
N ILE B 243 -13.12 -29.04 -23.98
CA ILE B 243 -13.60 -30.38 -24.46
C ILE B 243 -13.79 -30.30 -25.99
N SER C 2 15.58 27.16 0.21
CA SER C 2 16.63 27.32 -0.82
C SER C 2 15.99 27.26 -2.22
N LYS C 3 16.73 27.70 -3.24
CA LYS C 3 16.43 27.39 -4.66
C LYS C 3 16.27 25.87 -4.81
N LEU C 4 17.05 25.05 -4.07
CA LEU C 4 17.32 23.63 -4.46
C LEU C 4 16.78 22.63 -3.45
N ILE C 5 16.38 21.49 -3.96
CA ILE C 5 16.04 20.28 -3.18
C ILE C 5 17.31 19.44 -3.10
N VAL C 6 17.66 19.00 -1.90
CA VAL C 6 18.77 18.04 -1.72
C VAL C 6 18.15 16.72 -1.32
N PRO C 7 18.31 15.67 -2.15
CA PRO C 7 17.73 14.37 -1.83
C PRO C 7 18.10 13.91 -0.42
N GLN C 8 17.08 13.48 0.32
CA GLN C 8 17.20 12.94 1.69
C GLN C 8 17.19 11.44 1.51
N TRP C 9 18.37 10.87 1.53
CA TRP C 9 18.71 9.45 1.29
C TRP C 9 20.02 9.27 2.00
N PRO C 10 20.37 8.04 2.45
CA PRO C 10 21.63 7.77 3.17
C PRO C 10 22.79 7.61 2.18
N GLN C 11 23.02 8.61 1.36
CA GLN C 11 24.04 8.46 0.29
C GLN C 11 25.41 8.64 0.93
N PRO C 12 26.40 7.95 0.36
CA PRO C 12 27.76 8.01 0.90
C PRO C 12 28.39 9.39 0.74
N LYS C 13 29.47 9.61 1.49
CA LYS C 13 30.12 10.94 1.62
C LYS C 13 30.78 11.31 0.28
N GLY C 14 31.06 10.34 -0.58
CA GLY C 14 31.67 10.62 -1.89
C GLY C 14 30.70 11.12 -2.94
N VAL C 15 29.42 11.27 -2.59
CA VAL C 15 28.32 11.58 -3.56
C VAL C 15 27.62 12.87 -3.13
N ALA C 16 27.34 13.74 -4.10
CA ALA C 16 26.56 14.95 -3.89
C ALA C 16 25.46 15.01 -4.96
N ALA C 17 24.31 15.51 -4.56
CA ALA C 17 23.14 15.55 -5.49
C ALA C 17 22.32 16.77 -5.16
N CYS C 18 21.58 17.26 -6.16
CA CYS C 18 20.60 18.34 -5.93
C CYS C 18 19.56 18.27 -7.05
N SER C 19 18.45 18.92 -6.83
CA SER C 19 17.31 18.93 -7.79
C SER C 19 16.70 20.32 -7.74
N SER C 20 16.58 20.98 -8.86
CA SER C 20 16.19 22.41 -8.88
C SER C 20 14.67 22.57 -8.81
N THR C 21 14.22 23.77 -8.43
CA THR C 21 12.79 24.17 -8.48
C THR C 21 12.73 25.36 -9.44
N ARG C 22 11.52 25.86 -9.66
CA ARG C 22 11.30 26.97 -10.59
C ARG C 22 11.74 28.29 -9.95
N ILE C 23 12.08 28.31 -8.66
CA ILE C 23 12.38 29.56 -7.89
C ILE C 23 13.83 29.96 -8.13
N GLY C 24 14.07 31.28 -8.16
CA GLY C 24 15.41 31.85 -7.96
C GLY C 24 16.13 32.24 -9.24
N GLY C 25 15.44 32.22 -10.39
CA GLY C 25 16.03 32.56 -11.69
C GLY C 25 15.66 33.95 -12.17
N VAL C 26 15.83 34.18 -13.44
CA VAL C 26 15.64 35.50 -14.10
C VAL C 26 14.64 35.37 -15.26
N SER C 27 14.14 34.17 -15.57
CA SER C 27 13.26 34.04 -16.74
C SER C 27 11.86 34.56 -16.40
N LEU C 28 11.20 35.08 -17.44
CA LEU C 28 9.82 35.60 -17.35
C LEU C 28 8.83 34.46 -17.58
N PRO C 29 7.58 34.63 -17.10
CA PRO C 29 6.50 33.73 -17.50
C PRO C 29 6.49 33.62 -19.02
N PRO C 30 6.28 32.44 -19.63
CA PRO C 30 5.85 31.21 -18.95
C PRO C 30 7.00 30.34 -18.46
N TYR C 31 8.22 30.91 -18.42
CA TYR C 31 9.45 30.19 -18.00
C TYR C 31 9.91 30.56 -16.59
N ASP C 32 9.01 31.19 -15.82
CA ASP C 32 9.41 31.89 -14.57
C ASP C 32 9.73 30.89 -13.46
N SER C 33 10.93 30.87 -12.92
CA SER C 33 12.03 31.77 -13.23
C SER C 33 13.35 31.03 -13.48
N LEU C 34 13.59 29.93 -12.79
CA LEU C 34 14.89 29.20 -12.94
C LEU C 34 14.72 28.15 -14.05
N ASN C 35 14.49 28.60 -15.25
CA ASN C 35 14.41 27.71 -16.41
C ASN C 35 15.80 27.29 -16.87
N LEU C 36 16.09 26.02 -16.81
CA LEU C 36 17.39 25.47 -17.23
C LEU C 36 17.31 24.88 -18.64
N GLY C 37 16.14 24.83 -19.31
CA GLY C 37 16.01 24.25 -20.66
C GLY C 37 16.34 25.28 -21.72
N ALA C 38 17.22 24.94 -22.65
CA ALA C 38 17.69 25.91 -23.66
C ALA C 38 16.96 25.73 -24.99
N HIS C 39 16.01 24.82 -25.10
CA HIS C 39 15.32 24.49 -26.36
C HIS C 39 13.82 24.56 -26.15
N CYS C 40 13.35 25.50 -25.32
CA CYS C 40 11.88 25.58 -25.13
CA CYS C 40 11.94 25.66 -24.91
C CYS C 40 11.38 27.01 -25.41
N GLY C 41 12.21 27.81 -26.06
CA GLY C 41 11.74 29.10 -26.59
C GLY C 41 12.06 30.30 -25.69
N ASP C 42 12.74 30.08 -24.57
CA ASP C 42 13.09 31.17 -23.62
C ASP C 42 14.22 32.05 -24.15
N ASN C 43 14.31 33.22 -23.54
CA ASN C 43 15.41 34.18 -23.70
C ASN C 43 16.71 33.46 -23.38
N PRO C 44 17.64 33.36 -24.34
CA PRO C 44 18.81 32.51 -24.17
C PRO C 44 19.75 33.10 -23.12
N ASP C 45 19.74 34.41 -22.98
CA ASP C 45 20.53 35.06 -21.91
C ASP C 45 19.99 34.67 -20.52
N HIS C 46 18.69 34.62 -20.40
CA HIS C 46 18.06 34.17 -19.12
C HIS C 46 18.46 32.73 -18.84
N VAL C 47 18.41 31.84 -19.83
CA VAL C 47 18.76 30.42 -19.59
C VAL C 47 20.21 30.30 -19.12
N GLU C 48 21.14 31.02 -19.74
CA GLU C 48 22.58 30.98 -19.39
C GLU C 48 22.73 31.44 -17.94
N GLU C 49 22.05 32.51 -17.55
CA GLU C 49 22.12 33.09 -16.19
C GLU C 49 21.51 32.08 -15.20
N ASN C 50 20.44 31.38 -15.60
CA ASN C 50 19.80 30.41 -14.67
C ASN C 50 20.79 29.26 -14.43
N ARG C 51 21.42 28.79 -15.49
CA ARG C 51 22.40 27.68 -15.32
C ARG C 51 23.59 28.11 -14.48
N LYS C 52 23.98 29.37 -14.60
CA LYS C 52 25.10 29.89 -13.78
C LYS C 52 24.66 29.87 -12.30
N ARG C 53 23.43 30.29 -12.04
CA ARG C 53 22.88 30.31 -10.67
C ARG C 53 22.75 28.91 -10.09
N LEU C 54 22.31 27.95 -10.89
CA LEU C 54 22.28 26.53 -10.49
C LEU C 54 23.71 26.13 -10.10
N PHE C 55 24.69 26.35 -10.98
CA PHE C 55 26.08 25.89 -10.76
C PHE C 55 26.58 26.42 -9.41
N ALA C 56 26.34 27.69 -9.11
CA ALA C 56 26.70 28.34 -7.81
C ALA C 56 25.95 27.71 -6.65
N ALA C 57 24.62 27.68 -6.70
CA ALA C 57 23.77 27.23 -5.58
C ALA C 57 24.13 25.78 -5.20
N GLY C 58 24.40 24.92 -6.18
CA GLY C 58 24.65 23.48 -5.96
C GLY C 58 26.11 23.16 -5.62
N ASN C 59 26.99 24.16 -5.65
CA ASN C 59 28.48 23.97 -5.50
C ASN C 59 28.98 22.90 -6.48
N LEU C 60 28.51 22.92 -7.73
CA LEU C 60 28.93 21.90 -8.72
C LEU C 60 30.44 22.02 -8.95
N PRO C 61 31.14 20.87 -9.11
CA PRO C 61 32.58 20.90 -9.41
C PRO C 61 32.90 21.28 -10.86
N SER C 62 31.94 21.11 -11.76
CA SER C 62 32.12 21.31 -13.21
C SER C 62 30.72 21.46 -13.82
N LYS C 63 30.65 21.99 -15.03
CA LYS C 63 29.35 22.25 -15.66
C LYS C 63 28.66 20.93 -15.97
N PRO C 64 27.33 20.89 -15.80
CA PRO C 64 26.58 19.70 -16.09
C PRO C 64 26.77 19.24 -17.53
N VAL C 65 26.78 17.93 -17.72
CA VAL C 65 26.80 17.36 -19.10
C VAL C 65 25.36 17.24 -19.57
N TRP C 66 24.83 18.34 -20.07
CA TRP C 66 23.46 18.32 -20.58
C TRP C 66 23.34 17.31 -21.72
N LEU C 67 22.26 16.54 -21.71
CA LEU C 67 21.97 15.55 -22.77
C LEU C 67 21.03 16.15 -23.83
N GLU C 68 21.09 15.58 -25.03
CA GLU C 68 20.04 15.80 -26.07
C GLU C 68 18.99 14.71 -25.86
N GLN C 69 18.01 15.01 -24.99
CA GLN C 69 17.02 14.06 -24.49
C GLN C 69 16.01 13.83 -25.60
N VAL C 70 15.68 12.58 -25.84
CA VAL C 70 14.71 12.22 -26.93
C VAL C 70 13.62 11.29 -26.41
N HIS C 71 13.44 11.12 -25.07
CA HIS C 71 12.42 10.22 -24.49
C HIS C 71 12.68 8.78 -24.92
N GLY C 72 13.97 8.44 -25.08
CA GLY C 72 14.36 7.05 -25.29
C GLY C 72 15.02 6.44 -24.08
N LYS C 73 15.76 5.37 -24.31
CA LYS C 73 16.27 4.53 -23.21
C LYS C 73 17.78 4.41 -23.29
N ASP C 74 18.45 5.27 -24.06
CA ASP C 74 19.92 5.24 -24.20
C ASP C 74 20.56 5.96 -23.02
N VAL C 75 21.72 5.45 -22.62
CA VAL C 75 22.53 5.98 -21.51
C VAL C 75 23.88 6.42 -22.09
N LEU C 76 24.30 7.64 -21.79
CA LEU C 76 25.65 8.14 -22.11
C LEU C 76 26.59 7.85 -20.93
N LYS C 77 27.61 7.03 -21.16
CA LYS C 77 28.68 6.81 -20.14
C LYS C 77 29.66 7.97 -20.27
N LEU C 78 29.85 8.72 -19.20
CA LEU C 78 30.54 10.03 -19.23
C LEU C 78 32.04 9.83 -18.99
N THR C 79 32.75 9.49 -20.06
CA THR C 79 34.18 9.03 -20.02
C THR C 79 35.15 10.11 -20.51
N GLY C 80 34.71 11.36 -20.78
CA GLY C 80 35.64 12.49 -21.04
C GLY C 80 35.06 13.56 -21.94
N SER C 85 28.06 11.69 -29.71
CA SER C 85 26.67 12.21 -29.68
C SER C 85 26.14 12.21 -28.24
N LYS C 86 25.39 13.25 -27.85
CA LYS C 86 24.78 13.30 -26.49
C LYS C 86 23.29 12.98 -26.60
N ARG C 87 22.87 12.24 -27.63
CA ARG C 87 21.46 11.78 -27.80
C ARG C 87 21.24 10.60 -26.88
N ALA C 88 20.64 10.88 -25.71
CA ALA C 88 20.48 9.92 -24.64
C ALA C 88 19.55 10.55 -23.60
N ASP C 89 18.96 9.70 -22.78
CA ASP C 89 18.00 10.15 -21.73
C ASP C 89 18.54 9.76 -20.35
N ALA C 90 19.80 9.33 -20.24
CA ALA C 90 20.41 9.05 -18.93
C ALA C 90 21.92 9.17 -19.14
N SER C 91 22.61 9.41 -18.05
CA SER C 91 24.09 9.38 -18.03
C SER C 91 24.57 8.65 -16.79
N TYR C 92 25.81 8.19 -16.91
CA TYR C 92 26.48 7.35 -15.91
C TYR C 92 27.87 7.93 -15.76
N SER C 93 28.36 7.97 -14.53
CA SER C 93 29.74 8.47 -14.27
C SER C 93 30.41 7.64 -13.17
N ASN C 94 31.69 7.29 -13.36
CA ASN C 94 32.54 6.83 -12.23
C ASN C 94 33.75 7.74 -12.10
N THR C 95 33.67 8.96 -12.61
CA THR C 95 34.77 9.96 -12.63
C THR C 95 34.45 11.07 -11.64
N PRO C 96 35.27 11.26 -10.57
CA PRO C 96 35.15 12.41 -9.70
C PRO C 96 35.02 13.74 -10.42
N GLY C 97 34.03 14.53 -10.02
CA GLY C 97 33.81 15.88 -10.54
C GLY C 97 32.90 15.93 -11.77
N THR C 98 32.61 14.80 -12.43
CA THR C 98 31.69 14.78 -13.60
C THR C 98 30.24 14.86 -13.11
N VAL C 99 29.49 15.81 -13.65
CA VAL C 99 28.09 16.06 -13.20
C VAL C 99 27.08 15.46 -14.20
N CYS C 100 26.40 14.41 -13.79
CA CYS C 100 25.23 13.82 -14.47
C CYS C 100 24.03 14.76 -14.26
N ALA C 101 23.26 15.02 -15.32
CA ALA C 101 22.13 15.98 -15.23
C ALA C 101 21.03 15.54 -16.18
N VAL C 102 19.79 15.63 -15.71
CA VAL C 102 18.60 15.37 -16.55
C VAL C 102 17.61 16.50 -16.33
N MET C 103 17.00 16.94 -17.43
CA MET C 103 16.06 18.09 -17.43
C MET C 103 14.66 17.55 -17.48
N THR C 104 13.78 18.08 -16.64
CA THR C 104 12.41 17.54 -16.58
C THR C 104 11.40 18.66 -16.31
N ALA C 105 10.15 18.41 -16.64
CA ALA C 105 8.99 19.24 -16.24
C ALA C 105 7.74 18.35 -16.26
N ASP C 106 7.81 17.30 -15.42
CA ASP C 106 6.79 16.26 -15.19
C ASP C 106 7.43 14.86 -15.29
N ALA C 107 8.33 14.64 -16.25
CA ALA C 107 9.02 13.34 -16.30
C ALA C 107 9.69 13.03 -14.97
N LEU C 108 9.88 11.75 -14.70
CA LEU C 108 10.51 11.31 -13.46
C LEU C 108 12.00 11.42 -13.60
N PRO C 109 12.66 12.24 -12.79
CA PRO C 109 14.11 12.19 -12.70
C PRO C 109 14.46 11.12 -11.68
N VAL C 110 15.39 10.26 -12.03
CA VAL C 110 15.89 9.26 -11.06
C VAL C 110 17.38 9.44 -10.91
N LEU C 111 17.84 9.60 -9.68
CA LEU C 111 19.30 9.69 -9.39
C LEU C 111 19.72 8.40 -8.69
N PHE C 112 20.91 7.95 -9.07
CA PHE C 112 21.42 6.64 -8.64
C PHE C 112 22.83 6.82 -8.11
N CYS C 113 23.16 6.03 -7.08
CA CYS C 113 24.56 5.89 -6.67
C CYS C 113 24.72 4.55 -6.01
N ASN C 114 25.96 4.10 -5.89
CA ASN C 114 26.19 2.86 -5.14
C ASN C 114 26.53 3.21 -3.70
N ARG C 115 26.34 2.22 -2.81
CA ARG C 115 26.59 2.41 -1.35
C ARG C 115 28.04 2.81 -1.11
N ALA C 116 28.95 2.28 -1.93
CA ALA C 116 30.38 2.64 -1.81
C ALA C 116 30.68 4.07 -2.27
N GLY C 117 29.83 4.76 -3.02
CA GLY C 117 30.12 6.16 -3.37
C GLY C 117 31.20 6.26 -4.43
N THR C 118 31.20 5.35 -5.41
CA THR C 118 32.18 5.39 -6.52
C THR C 118 31.49 5.33 -7.89
N GLU C 119 30.17 5.31 -7.97
CA GLU C 119 29.49 5.40 -9.29
C GLU C 119 28.14 6.10 -9.08
N VAL C 120 27.77 6.91 -10.06
CA VAL C 120 26.50 7.70 -10.00
C VAL C 120 25.82 7.64 -11.37
N ALA C 121 24.51 7.89 -11.40
CA ALA C 121 23.80 8.02 -12.70
C ALA C 121 22.59 8.90 -12.50
N ALA C 122 22.12 9.49 -13.60
CA ALA C 122 20.85 10.24 -13.64
C ALA C 122 20.05 9.81 -14.86
N ALA C 123 18.76 9.58 -14.68
CA ALA C 123 17.86 9.09 -15.75
C ALA C 123 16.69 10.03 -15.90
N HIS C 124 16.32 10.28 -17.16
CA HIS C 124 15.13 11.06 -17.55
C HIS C 124 14.04 10.07 -17.89
N ALA C 125 13.13 9.78 -16.98
CA ALA C 125 12.10 8.76 -17.18
C ALA C 125 10.77 9.44 -17.35
N GLY C 126 10.56 10.04 -18.52
CA GLY C 126 9.20 10.29 -18.96
C GLY C 126 8.44 9.01 -19.17
N TRP C 127 7.12 9.05 -19.39
CA TRP C 127 6.40 7.77 -19.51
C TRP C 127 6.95 6.93 -20.68
N ARG C 128 7.37 7.55 -21.76
CA ARG C 128 7.88 6.78 -22.93
C ARG C 128 9.21 6.10 -22.61
N GLY C 129 10.17 6.80 -22.02
CA GLY C 129 11.46 6.19 -21.66
C GLY C 129 11.29 5.19 -20.55
N LEU C 130 10.45 5.49 -19.57
CA LEU C 130 10.19 4.57 -18.45
C LEU C 130 9.63 3.27 -19.04
N CYS C 131 8.63 3.35 -19.90
CA CYS C 131 8.00 2.14 -20.44
C CYS C 131 9.07 1.36 -21.25
N ALA C 132 9.97 2.04 -21.96
CA ALA C 132 10.96 1.41 -22.87
C ALA C 132 12.12 0.80 -22.10
N GLY C 133 12.27 1.13 -20.82
CA GLY C 133 13.33 0.51 -19.99
C GLY C 133 14.54 1.41 -19.72
N VAL C 134 14.40 2.72 -19.71
CA VAL C 134 15.53 3.62 -19.37
C VAL C 134 16.09 3.32 -17.98
N LEU C 135 15.27 2.92 -17.02
CA LEU C 135 15.82 2.69 -15.66
C LEU C 135 16.66 1.42 -15.65
N GLU C 136 16.14 0.38 -16.24
CA GLU C 136 16.88 -0.93 -16.31
C GLU C 136 18.18 -0.67 -17.04
N GLU C 137 18.14 0.09 -18.12
CA GLU C 137 19.35 0.36 -18.90
C GLU C 137 20.36 1.12 -18.07
N THR C 138 19.95 2.08 -17.25
CA THR C 138 20.89 2.86 -16.42
C THR C 138 21.46 1.93 -15.34
N VAL C 139 20.66 1.13 -14.70
CA VAL C 139 21.09 0.14 -13.66
C VAL C 139 22.14 -0.78 -14.28
N SER C 140 21.91 -1.26 -15.50
CA SER C 140 22.81 -2.23 -16.18
C SER C 140 24.19 -1.61 -16.43
N CYS C 141 24.36 -0.29 -16.36
CA CYS C 141 25.65 0.41 -16.59
C CYS C 141 26.54 0.32 -15.35
N PHE C 142 25.99 0.00 -14.18
CA PHE C 142 26.77 0.01 -12.91
C PHE C 142 27.68 -1.23 -12.86
N ALA C 143 28.91 -1.05 -12.43
CA ALA C 143 29.82 -2.17 -12.08
C ALA C 143 29.25 -2.90 -10.88
N ASP C 144 28.71 -2.15 -9.92
CA ASP C 144 28.24 -2.70 -8.63
C ASP C 144 26.99 -3.56 -8.82
N ASN C 145 26.70 -4.46 -7.87
CA ASN C 145 25.48 -5.33 -7.88
C ASN C 145 24.25 -4.43 -7.68
N PRO C 146 23.12 -4.69 -8.38
CA PRO C 146 21.89 -3.91 -8.16
C PRO C 146 21.46 -3.69 -6.70
N GLU C 147 21.66 -4.68 -5.82
CA GLU C 147 21.21 -4.58 -4.41
C GLU C 147 22.05 -3.51 -3.70
N ASN C 148 23.21 -3.12 -4.26
CA ASN C 148 24.05 -2.04 -3.68
C ASN C 148 23.79 -0.65 -4.30
N ILE C 149 22.71 -0.51 -5.09
CA ILE C 149 22.40 0.79 -5.76
C ILE C 149 21.27 1.48 -5.00
N LEU C 150 21.52 2.73 -4.64
CA LEU C 150 20.48 3.63 -4.07
C LEU C 150 19.83 4.40 -5.22
N ALA C 151 18.51 4.50 -5.19
CA ALA C 151 17.80 5.33 -6.19
C ALA C 151 17.00 6.37 -5.45
N TRP C 152 16.92 7.56 -6.03
CA TRP C 152 16.08 8.67 -5.53
C TRP C 152 15.13 9.05 -6.66
N LEU C 153 13.86 9.00 -6.36
CA LEU C 153 12.78 9.41 -7.29
C LEU C 153 12.59 10.89 -7.09
N GLY C 154 12.89 11.68 -8.12
CA GLY C 154 12.72 13.13 -8.00
C GLY C 154 11.30 13.57 -8.30
N PRO C 155 11.10 14.91 -8.25
CA PRO C 155 9.76 15.47 -8.47
C PRO C 155 9.27 15.24 -9.89
N ALA C 156 8.13 14.59 -10.00
CA ALA C 156 7.47 14.22 -11.26
C ALA C 156 5.98 14.50 -11.18
N ILE C 157 5.24 14.30 -12.27
CA ILE C 157 3.78 14.41 -12.24
C ILE C 157 3.23 13.21 -11.46
N GLY C 158 2.45 13.48 -10.42
CA GLY C 158 2.13 12.45 -9.44
C GLY C 158 0.80 11.77 -9.77
N PRO C 159 0.46 10.77 -8.94
CA PRO C 159 -0.65 9.88 -9.26
C PRO C 159 -2.05 10.50 -9.21
N ARG C 160 -2.21 11.66 -8.60
CA ARG C 160 -3.52 12.34 -8.61
C ARG C 160 -3.66 13.18 -9.89
N ALA C 161 -2.57 13.43 -10.63
CA ALA C 161 -2.60 14.39 -11.74
C ALA C 161 -2.28 13.73 -13.08
N PHE C 162 -1.62 12.58 -13.08
CA PHE C 162 -1.04 12.03 -14.32
C PHE C 162 -2.08 11.24 -15.07
N GLU C 163 -3.05 11.93 -15.67
CA GLU C 163 -4.12 11.30 -16.44
C GLU C 163 -3.53 10.82 -17.78
N VAL C 164 -3.79 9.57 -18.14
CA VAL C 164 -3.29 9.01 -19.42
C VAL C 164 -4.42 8.25 -20.07
N GLY C 165 -4.33 8.10 -21.37
CA GLY C 165 -5.29 7.23 -22.05
C GLY C 165 -4.99 5.77 -21.83
N GLY C 166 -5.94 4.94 -22.19
CA GLY C 166 -5.77 3.49 -22.05
C GLY C 166 -4.68 2.96 -22.89
N GLU C 167 -4.33 3.61 -24.00
CA GLU C 167 -3.20 3.11 -24.83
C GLU C 167 -1.88 3.15 -24.05
N VAL C 168 -1.71 4.11 -23.14
CA VAL C 168 -0.47 4.18 -22.33
C VAL C 168 -0.49 3.03 -21.31
N ARG C 169 -1.58 2.89 -20.59
CA ARG C 169 -1.73 1.73 -19.69
C ARG C 169 -1.36 0.45 -20.45
N GLU C 170 -1.98 0.27 -21.61
CA GLU C 170 -1.80 -0.95 -22.44
C GLU C 170 -0.35 -1.13 -22.82
N ALA C 171 0.40 -0.05 -23.13
CA ALA C 171 1.80 -0.15 -23.53
C ALA C 171 2.66 -0.58 -22.33
N PHE C 172 2.38 -0.06 -21.14
CA PHE C 172 3.13 -0.51 -19.95
C PHE C 172 2.87 -1.99 -19.75
N MET C 173 1.61 -2.39 -19.86
CA MET C 173 1.20 -3.79 -19.54
C MET C 173 1.81 -4.72 -20.58
N ALA C 174 2.06 -4.26 -21.81
CA ALA C 174 2.62 -5.11 -22.87
C ALA C 174 4.03 -5.51 -22.47
N VAL C 175 4.73 -4.69 -21.68
CA VAL C 175 6.11 -4.97 -21.22
C VAL C 175 6.03 -5.84 -19.97
N ASP C 176 5.14 -5.47 -19.06
CA ASP C 176 5.07 -6.06 -17.70
C ASP C 176 3.64 -5.91 -17.24
N ALA C 177 2.85 -6.97 -17.32
CA ALA C 177 1.41 -6.89 -17.07
C ALA C 177 1.12 -6.42 -15.67
N LYS C 178 1.99 -6.70 -14.70
CA LYS C 178 1.73 -6.23 -13.32
C LYS C 178 1.75 -4.69 -13.22
N ALA C 179 2.09 -4.00 -14.29
CA ALA C 179 1.96 -2.52 -14.36
C ALA C 179 0.51 -2.10 -14.17
N SER C 180 -0.48 -2.97 -14.39
CA SER C 180 -1.90 -2.72 -14.17
C SER C 180 -2.12 -2.11 -12.79
N ALA C 181 -1.31 -2.53 -11.81
CA ALA C 181 -1.50 -2.06 -10.42
C ALA C 181 -1.35 -0.53 -10.34
N ALA C 182 -0.59 0.06 -11.26
CA ALA C 182 -0.19 1.49 -11.14
C ALA C 182 -1.15 2.39 -11.90
N PHE C 183 -2.28 1.90 -12.42
CA PHE C 183 -3.29 2.66 -13.18
C PHE C 183 -4.66 2.52 -12.51
N ILE C 184 -5.29 3.61 -12.15
CA ILE C 184 -6.61 3.63 -11.50
C ILE C 184 -7.55 4.16 -12.57
N GLN C 185 -8.70 3.53 -12.78
CA GLN C 185 -9.70 4.02 -13.74
C GLN C 185 -10.11 5.46 -13.39
N HIS C 186 -10.26 6.31 -14.43
CA HIS C 186 -10.62 7.74 -14.36
C HIS C 186 -11.53 8.03 -15.55
N GLY C 187 -12.82 7.78 -15.40
CA GLY C 187 -13.76 7.70 -16.52
C GLY C 187 -13.25 6.72 -17.55
N ASP C 188 -13.09 7.15 -18.79
CA ASP C 188 -12.61 6.29 -19.91
C ASP C 188 -11.07 6.29 -19.97
N LYS C 189 -10.45 7.07 -19.08
CA LYS C 189 -9.00 7.17 -18.98
C LYS C 189 -8.51 6.59 -17.64
N TYR C 190 -7.25 6.84 -17.30
CA TYR C 190 -6.57 6.30 -16.11
C TYR C 190 -5.76 7.39 -15.44
N LEU C 191 -5.58 7.28 -14.14
CA LEU C 191 -4.53 8.02 -13.41
C LEU C 191 -3.38 7.06 -13.19
N ALA C 192 -2.23 7.41 -13.68
CA ALA C 192 -1.03 6.57 -13.65
C ALA C 192 -0.14 7.02 -12.49
N ASP C 193 0.46 6.10 -11.79
CA ASP C 193 1.43 6.37 -10.71
C ASP C 193 2.82 6.10 -11.25
N ILE C 194 3.53 7.16 -11.63
CA ILE C 194 4.82 7.05 -12.32
C ILE C 194 5.85 6.54 -11.33
N TYR C 195 5.67 6.84 -10.04
CA TYR C 195 6.62 6.40 -9.00
C TYR C 195 6.47 4.88 -8.83
N GLN C 196 5.23 4.40 -8.78
CA GLN C 196 5.01 2.94 -8.62
C GLN C 196 5.52 2.23 -9.87
N LEU C 197 5.35 2.79 -11.07
CA LEU C 197 5.91 2.12 -12.26
C LEU C 197 7.43 2.05 -12.17
N ALA C 198 8.08 3.12 -11.69
CA ALA C 198 9.54 3.14 -11.54
C ALA C 198 9.95 2.12 -10.48
N ARG C 199 9.25 2.08 -9.35
CA ARG C 199 9.55 1.04 -8.30
C ARG C 199 9.44 -0.36 -8.94
N GLN C 200 8.51 -0.60 -9.85
CA GLN C 200 8.33 -1.95 -10.44
C GLN C 200 9.59 -2.24 -11.25
N ARG C 201 10.02 -1.32 -12.10
CA ARG C 201 11.13 -1.53 -13.04
C ARG C 201 12.41 -1.69 -12.23
N LEU C 202 12.61 -0.86 -11.20
CA LEU C 202 13.82 -0.97 -10.37
C LEU C 202 13.82 -2.31 -9.61
N ALA C 203 12.69 -2.70 -9.02
CA ALA C 203 12.52 -3.99 -8.28
C ALA C 203 12.77 -5.16 -9.25
N ASN C 204 12.32 -5.02 -10.48
CA ASN C 204 12.46 -6.14 -11.44
C ASN C 204 13.94 -6.42 -11.67
N VAL C 205 14.82 -5.44 -11.59
CA VAL C 205 16.28 -5.64 -11.84
C VAL C 205 17.09 -5.66 -10.53
N GLY C 206 16.40 -5.69 -9.38
CA GLY C 206 17.00 -6.05 -8.08
C GLY C 206 17.47 -4.85 -7.27
N VAL C 207 17.10 -3.61 -7.65
CA VAL C 207 17.35 -2.40 -6.81
C VAL C 207 16.31 -2.40 -5.68
N GLU C 208 16.82 -2.29 -4.46
CA GLU C 208 16.03 -2.54 -3.23
C GLU C 208 15.81 -1.26 -2.45
N GLN C 209 16.61 -0.22 -2.67
CA GLN C 209 16.63 0.97 -1.80
C GLN C 209 16.19 2.18 -2.62
N ILE C 210 14.91 2.50 -2.55
CA ILE C 210 14.34 3.54 -3.45
C ILE C 210 13.72 4.64 -2.58
N PHE C 211 14.26 5.84 -2.68
CA PHE C 211 13.90 7.00 -1.84
C PHE C 211 13.11 8.00 -2.69
N GLY C 212 12.58 9.03 -2.03
CA GLY C 212 11.81 10.11 -2.69
C GLY C 212 10.48 9.66 -3.21
N GLY C 213 9.98 10.36 -4.22
CA GLY C 213 8.72 10.02 -4.89
C GLY C 213 7.47 10.54 -4.20
N ASP C 214 7.56 11.68 -3.53
CA ASP C 214 6.42 12.23 -2.76
C ASP C 214 5.93 13.58 -3.30
N ARG C 215 6.41 14.04 -4.45
CA ARG C 215 6.07 15.39 -4.95
C ARG C 215 5.12 15.28 -6.16
N CYS C 216 4.55 16.41 -6.60
CA CYS C 216 3.68 16.43 -7.77
C CYS C 216 3.99 17.72 -8.53
N THR C 217 4.65 17.62 -9.67
CA THR C 217 5.02 18.84 -10.45
C THR C 217 3.79 19.59 -10.96
N TYR C 218 2.71 18.90 -11.24
CA TYR C 218 1.50 19.51 -11.80
C TYR C 218 0.79 20.30 -10.69
N THR C 219 0.59 19.66 -9.55
CA THR C 219 -0.18 20.27 -8.43
C THR C 219 0.62 21.37 -7.75
N GLU C 220 1.94 21.19 -7.61
CA GLU C 220 2.80 22.07 -6.80
C GLU C 220 3.33 23.16 -7.73
N ASN C 221 2.40 23.99 -8.19
CA ASN C 221 2.68 25.00 -9.23
C ASN C 221 3.56 26.12 -8.69
N GLU C 222 3.62 26.34 -7.38
CA GLU C 222 4.51 27.39 -6.84
C GLU C 222 5.97 26.93 -6.95
N THR C 223 6.20 25.63 -7.10
CA THR C 223 7.52 25.03 -6.90
C THR C 223 8.08 24.47 -8.18
N PHE C 224 7.22 23.95 -9.06
CA PHE C 224 7.71 23.20 -10.24
C PHE C 224 7.07 23.67 -11.53
N PHE C 225 7.85 23.60 -12.61
CA PHE C 225 7.31 23.65 -14.00
C PHE C 225 6.61 22.34 -14.31
N SER C 226 5.56 22.41 -15.11
CA SER C 226 4.77 21.24 -15.55
C SER C 226 4.36 21.40 -17.01
N TYR C 227 4.86 20.54 -17.88
CA TYR C 227 4.43 20.52 -19.28
C TYR C 227 2.93 20.22 -19.36
N ARG C 228 2.45 19.31 -18.53
CA ARG C 228 1.04 18.98 -18.55
C ARG C 228 0.21 20.23 -18.25
N ARG C 229 0.66 21.03 -17.29
CA ARG C 229 -0.11 22.23 -16.89
C ARG C 229 0.05 23.31 -17.94
N ASP C 230 1.26 23.48 -18.46
CA ASP C 230 1.68 24.62 -19.33
C ASP C 230 2.56 23.93 -20.44
N LYS C 231 2.09 23.56 -21.58
CA LYS C 231 2.88 23.07 -22.71
C LYS C 231 4.19 23.85 -22.99
N THR C 232 4.09 25.16 -23.04
CA THR C 232 5.29 25.98 -23.24
C THR C 232 5.73 26.50 -21.88
N THR C 233 6.79 25.92 -21.35
CA THR C 233 7.26 26.28 -19.99
C THR C 233 8.75 25.95 -19.82
N GLY C 234 9.25 26.17 -18.62
CA GLY C 234 10.65 25.90 -18.28
C GLY C 234 10.91 24.43 -17.99
N ARG C 235 12.17 24.18 -17.64
CA ARG C 235 12.64 22.85 -17.17
C ARG C 235 13.40 23.03 -15.86
N MET C 236 13.10 22.17 -14.91
CA MET C 236 13.95 21.88 -13.74
C MET C 236 15.02 20.87 -14.18
N ALA C 237 15.99 20.60 -13.32
CA ALA C 237 16.92 19.48 -13.57
C ALA C 237 17.33 18.86 -12.25
N SER C 238 17.77 17.64 -12.36
CA SER C 238 18.32 16.87 -11.24
C SER C 238 19.76 16.48 -11.59
N PHE C 239 20.63 16.54 -10.57
CA PHE C 239 22.09 16.48 -10.75
C PHE C 239 22.71 15.57 -9.72
N ILE C 240 23.70 14.81 -10.14
CA ILE C 240 24.43 13.92 -9.17
C ILE C 240 25.87 13.86 -9.65
N TRP C 241 26.81 13.83 -8.71
CA TRP C 241 28.24 13.72 -9.08
C TRP C 241 29.00 13.03 -7.95
N LEU C 242 30.15 12.49 -8.31
CA LEU C 242 31.16 12.02 -7.33
C LEU C 242 31.98 13.24 -6.96
N ILE C 243 32.17 13.48 -5.67
CA ILE C 243 32.80 14.73 -5.16
C ILE C 243 34.30 14.71 -5.49
N LYS D 3 -20.51 -24.12 -1.47
CA LYS D 3 -20.56 -24.61 -0.09
C LYS D 3 -20.35 -23.42 0.86
N LEU D 4 -19.27 -23.42 1.61
CA LEU D 4 -18.93 -22.35 2.57
C LEU D 4 -17.43 -22.08 2.46
N ILE D 5 -17.00 -21.01 3.12
CA ILE D 5 -15.61 -20.49 3.12
C ILE D 5 -15.08 -20.70 4.51
N VAL D 6 -13.91 -21.31 4.64
CA VAL D 6 -13.27 -21.42 5.97
C VAL D 6 -12.14 -20.40 6.00
N PRO D 7 -12.21 -19.41 6.91
CA PRO D 7 -11.21 -18.36 6.99
C PRO D 7 -9.81 -18.97 7.07
N GLN D 8 -8.92 -18.44 6.23
CA GLN D 8 -7.47 -18.69 6.25
C GLN D 8 -6.90 -17.65 7.20
N TRP D 9 -6.64 -18.09 8.41
CA TRP D 9 -5.97 -17.32 9.48
C TRP D 9 -5.32 -18.34 10.37
N PRO D 10 -4.23 -17.99 11.09
CA PRO D 10 -3.58 -18.93 12.02
C PRO D 10 -4.34 -19.01 13.35
N GLN D 11 -5.62 -19.37 13.28
CA GLN D 11 -6.47 -19.34 14.50
C GLN D 11 -6.14 -20.59 15.30
N PRO D 12 -6.22 -20.48 16.64
CA PRO D 12 -5.95 -21.60 17.54
C PRO D 12 -6.89 -22.80 17.31
N LYS D 13 -6.43 -23.99 17.74
CA LYS D 13 -7.12 -25.29 17.53
C LYS D 13 -8.51 -25.27 18.18
N GLY D 14 -8.69 -24.43 19.20
CA GLY D 14 -9.91 -24.30 20.02
C GLY D 14 -11.03 -23.56 19.31
N VAL D 15 -10.73 -22.94 18.16
CA VAL D 15 -11.67 -22.06 17.40
C VAL D 15 -11.95 -22.66 16.04
N ALA D 16 -13.20 -22.58 15.59
CA ALA D 16 -13.60 -22.90 14.21
C ALA D 16 -14.51 -21.77 13.70
N ALA D 17 -14.50 -21.60 12.40
CA ALA D 17 -15.23 -20.52 11.74
C ALA D 17 -15.57 -20.94 10.33
N CYS D 18 -16.62 -20.32 9.82
CA CYS D 18 -17.05 -20.51 8.44
C CYS D 18 -17.88 -19.28 8.03
N SER D 19 -17.95 -19.14 6.75
CA SER D 19 -18.67 -18.01 6.14
C SER D 19 -19.40 -18.59 4.97
N SER D 20 -20.72 -18.37 4.91
CA SER D 20 -21.55 -19.03 3.88
C SER D 20 -21.48 -18.32 2.55
N THR D 21 -21.77 -19.04 1.47
CA THR D 21 -21.87 -18.49 0.12
C THR D 21 -23.33 -18.69 -0.31
N ARG D 22 -23.70 -18.24 -1.49
CA ARG D 22 -25.11 -18.29 -1.97
C ARG D 22 -25.46 -19.67 -2.53
N ILE D 23 -24.48 -20.57 -2.68
CA ILE D 23 -24.72 -21.82 -3.47
C ILE D 23 -25.15 -22.95 -2.54
N GLY D 24 -25.93 -23.90 -3.09
CA GLY D 24 -26.18 -25.20 -2.43
C GLY D 24 -27.40 -25.14 -1.51
N GLY D 25 -28.35 -24.24 -1.78
CA GLY D 25 -29.59 -24.07 -1.01
C GLY D 25 -30.81 -24.43 -1.84
N VAL D 26 -32.01 -24.06 -1.39
CA VAL D 26 -33.30 -24.41 -2.08
C VAL D 26 -34.08 -23.16 -2.46
N SER D 27 -33.62 -21.99 -2.03
CA SER D 27 -34.37 -20.75 -2.27
C SER D 27 -34.34 -20.46 -3.77
N LEU D 28 -35.41 -19.83 -4.23
CA LEU D 28 -35.59 -19.47 -5.65
C LEU D 28 -35.20 -18.01 -5.78
N PRO D 29 -34.88 -17.56 -7.00
CA PRO D 29 -34.65 -16.13 -7.28
C PRO D 29 -35.75 -15.26 -6.66
N PRO D 30 -35.43 -14.12 -6.01
CA PRO D 30 -34.06 -13.59 -5.98
C PRO D 30 -33.16 -14.06 -4.82
N TYR D 31 -33.53 -15.14 -4.13
CA TYR D 31 -32.88 -15.60 -2.88
C TYR D 31 -32.02 -16.82 -3.17
N ASP D 32 -31.75 -17.02 -4.47
CA ASP D 32 -31.20 -18.31 -4.97
C ASP D 32 -29.73 -18.37 -4.60
N SER D 33 -29.33 -19.34 -3.77
CA SER D 33 -30.20 -20.38 -3.23
C SER D 33 -29.98 -20.59 -1.73
N LEU D 34 -28.79 -20.38 -1.16
CA LEU D 34 -28.58 -20.59 0.29
C LEU D 34 -28.84 -19.30 1.09
N ASN D 35 -30.06 -18.82 1.01
CA ASN D 35 -30.53 -17.64 1.79
C ASN D 35 -30.73 -18.05 3.24
N LEU D 36 -29.96 -17.47 4.16
CA LEU D 36 -30.02 -17.75 5.61
C LEU D 36 -30.87 -16.69 6.34
N GLY D 37 -31.31 -15.61 5.67
CA GLY D 37 -31.99 -14.51 6.36
C GLY D 37 -33.51 -14.63 6.34
N ALA D 38 -34.13 -14.32 7.47
CA ALA D 38 -35.56 -14.61 7.71
C ALA D 38 -36.34 -13.32 7.53
N HIS D 39 -35.69 -12.20 7.19
CA HIS D 39 -36.40 -10.89 7.16
C HIS D 39 -36.51 -10.32 5.74
N CYS D 40 -36.06 -11.04 4.73
CA CYS D 40 -35.87 -10.43 3.39
C CYS D 40 -37.01 -10.86 2.44
N GLY D 41 -38.04 -11.54 2.94
CA GLY D 41 -39.29 -11.85 2.21
C GLY D 41 -39.29 -13.22 1.56
N ASP D 42 -38.35 -14.09 1.91
CA ASP D 42 -38.19 -15.46 1.32
C ASP D 42 -39.19 -16.41 1.98
N ASN D 43 -39.34 -17.59 1.38
CA ASN D 43 -40.15 -18.70 1.91
C ASN D 43 -39.48 -19.21 3.18
N PRO D 44 -40.14 -19.08 4.37
CA PRO D 44 -39.54 -19.54 5.62
C PRO D 44 -39.10 -21.01 5.66
N ASP D 45 -39.79 -21.92 4.97
CA ASP D 45 -39.39 -23.34 4.95
C ASP D 45 -38.10 -23.50 4.13
N HIS D 46 -37.94 -22.69 3.07
CA HIS D 46 -36.67 -22.62 2.28
C HIS D 46 -35.52 -22.13 3.16
N VAL D 47 -35.74 -21.04 3.90
CA VAL D 47 -34.71 -20.53 4.87
C VAL D 47 -34.34 -21.62 5.86
N GLU D 48 -35.34 -22.32 6.41
CA GLU D 48 -35.12 -23.38 7.42
C GLU D 48 -34.27 -24.49 6.80
N GLU D 49 -34.56 -24.90 5.56
CA GLU D 49 -33.80 -25.95 4.81
C GLU D 49 -32.36 -25.44 4.57
N ASN D 50 -32.21 -24.20 4.11
CA ASN D 50 -30.85 -23.62 3.92
C ASN D 50 -30.03 -23.64 5.21
N ARG D 51 -30.64 -23.22 6.31
CA ARG D 51 -29.96 -23.14 7.61
C ARG D 51 -29.54 -24.55 8.05
N LYS D 52 -30.43 -25.53 7.88
CA LYS D 52 -30.11 -26.94 8.21
C LYS D 52 -28.90 -27.39 7.37
N ARG D 53 -28.91 -27.07 6.08
CA ARG D 53 -27.82 -27.47 5.14
C ARG D 53 -26.52 -26.82 5.63
N LEU D 54 -26.56 -25.55 6.06
CA LEU D 54 -25.33 -24.87 6.53
C LEU D 54 -24.81 -25.50 7.82
N PHE D 55 -25.68 -25.65 8.83
CA PHE D 55 -25.32 -26.18 10.18
C PHE D 55 -24.50 -27.47 9.97
N ALA D 56 -24.98 -28.31 9.07
CA ALA D 56 -24.42 -29.64 8.72
C ALA D 56 -23.06 -29.46 8.05
N ALA D 57 -23.06 -28.73 6.93
CA ALA D 57 -21.86 -28.46 6.09
C ALA D 57 -20.74 -27.89 6.96
N GLY D 58 -21.05 -27.05 7.96
CA GLY D 58 -20.07 -26.33 8.78
C GLY D 58 -19.70 -27.07 10.04
N ASN D 59 -20.40 -28.17 10.33
CA ASN D 59 -20.14 -29.01 11.53
C ASN D 59 -20.32 -28.14 12.78
N LEU D 60 -21.36 -27.29 12.81
CA LEU D 60 -21.64 -26.38 13.96
C LEU D 60 -21.99 -27.25 15.17
N PRO D 61 -21.46 -26.91 16.37
CA PRO D 61 -21.77 -27.67 17.59
C PRO D 61 -23.16 -27.36 18.17
N SER D 62 -23.81 -26.32 17.63
CA SER D 62 -25.15 -25.87 18.08
C SER D 62 -25.68 -24.88 17.06
N LYS D 63 -26.96 -24.56 17.15
CA LYS D 63 -27.63 -23.56 16.29
C LYS D 63 -27.11 -22.17 16.63
N PRO D 64 -26.93 -21.33 15.59
CA PRO D 64 -26.43 -19.98 15.83
C PRO D 64 -27.48 -19.13 16.56
N VAL D 65 -27.02 -18.24 17.43
CA VAL D 65 -27.84 -17.20 18.07
C VAL D 65 -28.00 -16.11 17.01
N TRP D 66 -29.10 -16.10 16.26
CA TRP D 66 -29.37 -15.00 15.29
C TRP D 66 -29.62 -13.73 16.08
N LEU D 67 -29.00 -12.62 15.64
CA LEU D 67 -29.22 -11.27 16.20
C LEU D 67 -30.36 -10.51 15.49
N GLU D 68 -30.97 -9.60 16.23
CA GLU D 68 -31.95 -8.66 15.66
C GLU D 68 -31.13 -7.42 15.30
N GLN D 69 -30.63 -7.43 14.07
CA GLN D 69 -29.61 -6.47 13.56
C GLN D 69 -30.24 -5.16 13.16
N VAL D 70 -29.65 -4.04 13.55
CA VAL D 70 -30.24 -2.70 13.26
C VAL D 70 -29.19 -1.75 12.68
N HIS D 71 -28.06 -2.28 12.17
CA HIS D 71 -26.94 -1.42 11.74
C HIS D 71 -26.48 -0.48 12.86
N GLY D 72 -26.49 -0.94 14.11
CA GLY D 72 -25.99 -0.16 15.24
C GLY D 72 -24.66 -0.69 15.74
N LYS D 73 -24.36 -0.43 17.01
CA LYS D 73 -23.03 -0.74 17.59
C LYS D 73 -23.18 -1.63 18.83
N ASP D 74 -24.34 -2.25 19.07
CA ASP D 74 -24.54 -2.98 20.35
C ASP D 74 -24.07 -4.42 20.19
N VAL D 75 -23.56 -5.01 21.30
CA VAL D 75 -22.99 -6.38 21.32
C VAL D 75 -23.86 -7.22 22.26
N LEU D 76 -24.27 -8.41 21.81
CA LEU D 76 -24.92 -9.42 22.68
C LEU D 76 -23.86 -10.38 23.22
N LYS D 77 -23.73 -10.45 24.56
CA LYS D 77 -22.85 -11.42 25.27
C LYS D 77 -23.55 -12.77 25.42
N LEU D 78 -23.01 -13.83 24.85
CA LEU D 78 -23.56 -15.20 24.89
C LEU D 78 -22.74 -16.06 25.88
N LYS D 86 -32.27 -8.47 23.24
CA LYS D 86 -31.78 -7.09 22.90
C LYS D 86 -31.53 -6.98 21.39
N ARG D 87 -31.71 -5.79 20.78
CA ARG D 87 -31.24 -5.55 19.38
C ARG D 87 -29.72 -5.41 19.39
N ALA D 88 -29.06 -6.05 18.43
CA ALA D 88 -27.56 -6.07 18.45
C ALA D 88 -27.03 -6.36 17.06
N ASP D 89 -25.82 -5.87 16.79
CA ASP D 89 -25.13 -6.08 15.51
C ASP D 89 -23.81 -6.82 15.72
N ALA D 90 -23.57 -7.38 16.92
CA ALA D 90 -22.38 -8.21 17.21
C ALA D 90 -22.69 -9.14 18.37
N SER D 91 -22.00 -10.28 18.40
CA SER D 91 -22.13 -11.26 19.51
C SER D 91 -20.74 -11.73 19.93
N TYR D 92 -20.63 -12.16 21.18
CA TYR D 92 -19.34 -12.46 21.85
C TYR D 92 -19.60 -13.71 22.70
N SER D 93 -18.68 -14.67 22.70
CA SER D 93 -18.87 -15.88 23.53
C SER D 93 -17.51 -16.34 24.08
N ASN D 94 -17.55 -16.91 25.28
CA ASN D 94 -16.44 -17.68 25.89
C ASN D 94 -16.98 -19.05 26.32
N THR D 95 -18.13 -19.44 25.81
CA THR D 95 -18.78 -20.73 26.13
C THR D 95 -18.51 -21.71 25.01
N PRO D 96 -17.79 -22.82 25.25
CA PRO D 96 -17.65 -23.82 24.20
C PRO D 96 -18.98 -24.29 23.59
N GLY D 97 -19.04 -24.32 22.26
CA GLY D 97 -20.15 -24.82 21.43
C GLY D 97 -21.21 -23.78 21.06
N THR D 98 -21.16 -22.59 21.66
CA THR D 98 -22.00 -21.39 21.35
C THR D 98 -21.52 -20.75 20.03
N VAL D 99 -22.43 -20.63 19.07
CA VAL D 99 -22.08 -20.19 17.68
C VAL D 99 -22.49 -18.73 17.52
N CYS D 100 -21.51 -17.84 17.46
CA CYS D 100 -21.74 -16.41 17.14
C CYS D 100 -21.93 -16.23 15.63
N ALA D 101 -22.96 -15.47 15.23
CA ALA D 101 -23.36 -15.38 13.81
C ALA D 101 -23.82 -13.97 13.48
N VAL D 102 -23.37 -13.47 12.32
CA VAL D 102 -23.86 -12.18 11.79
C VAL D 102 -24.33 -12.41 10.36
N MET D 103 -25.41 -11.75 9.97
CA MET D 103 -26.08 -11.90 8.68
C MET D 103 -25.74 -10.71 7.77
N THR D 104 -25.30 -10.98 6.56
CA THR D 104 -24.75 -9.91 5.66
C THR D 104 -25.13 -10.17 4.20
N ALA D 105 -25.13 -9.10 3.40
CA ALA D 105 -25.13 -9.15 1.94
C ALA D 105 -24.55 -7.83 1.44
N ASP D 106 -23.30 -7.56 1.83
CA ASP D 106 -22.44 -6.41 1.46
C ASP D 106 -21.79 -5.85 2.73
N ALA D 107 -22.49 -5.83 3.89
CA ALA D 107 -21.89 -5.33 5.13
C ALA D 107 -20.67 -6.19 5.46
N LEU D 108 -19.67 -5.60 6.10
CA LEU D 108 -18.46 -6.38 6.49
C LEU D 108 -18.75 -7.26 7.71
N PRO D 109 -18.62 -8.60 7.58
CA PRO D 109 -18.59 -9.45 8.76
C PRO D 109 -17.14 -9.42 9.29
N VAL D 110 -17.00 -9.31 10.57
CA VAL D 110 -15.68 -9.46 11.24
C VAL D 110 -15.78 -10.54 12.30
N LEU D 111 -14.92 -11.55 12.17
CA LEU D 111 -14.85 -12.67 13.15
C LEU D 111 -13.59 -12.45 13.99
N PHE D 112 -13.70 -12.65 15.28
CA PHE D 112 -12.63 -12.36 16.25
C PHE D 112 -12.38 -13.62 17.07
N CYS D 113 -11.14 -13.82 17.49
CA CYS D 113 -10.80 -14.78 18.58
C CYS D 113 -9.53 -14.30 19.25
N ASN D 114 -9.19 -14.93 20.38
CA ASN D 114 -7.90 -14.67 21.07
C ASN D 114 -6.92 -15.79 20.72
N ARG D 115 -5.63 -15.51 20.85
CA ARG D 115 -4.54 -16.49 20.50
C ARG D 115 -4.73 -17.78 21.32
N ALA D 116 -5.20 -17.65 22.54
CA ALA D 116 -5.39 -18.77 23.51
C ALA D 116 -6.60 -19.64 23.13
N GLY D 117 -7.49 -19.18 22.26
CA GLY D 117 -8.63 -19.99 21.79
C GLY D 117 -9.68 -20.22 22.87
N THR D 118 -9.99 -19.20 23.68
CA THR D 118 -10.97 -19.23 24.78
C THR D 118 -12.05 -18.16 24.62
N GLU D 119 -11.98 -17.29 23.61
CA GLU D 119 -13.08 -16.33 23.38
C GLU D 119 -13.17 -15.99 21.90
N VAL D 120 -14.39 -15.84 21.46
CA VAL D 120 -14.76 -15.59 20.04
C VAL D 120 -15.79 -14.44 20.00
N ALA D 121 -15.91 -13.80 18.85
CA ALA D 121 -16.94 -12.75 18.62
C ALA D 121 -17.15 -12.54 17.12
N ALA D 122 -18.37 -12.15 16.79
CA ALA D 122 -18.75 -11.85 15.38
C ALA D 122 -19.43 -10.49 15.35
N ALA D 123 -19.08 -9.68 14.37
CA ALA D 123 -19.64 -8.31 14.25
C ALA D 123 -20.18 -8.06 12.83
N HIS D 124 -21.34 -7.41 12.77
CA HIS D 124 -21.99 -6.95 11.53
C HIS D 124 -21.68 -5.48 11.34
N ALA D 125 -20.70 -5.17 10.49
CA ALA D 125 -20.19 -3.80 10.27
C ALA D 125 -20.58 -3.30 8.88
N GLY D 126 -21.86 -3.04 8.64
CA GLY D 126 -22.23 -2.20 7.49
C GLY D 126 -21.59 -0.83 7.68
N TRP D 127 -21.70 0.04 6.70
CA TRP D 127 -20.99 1.34 6.85
C TRP D 127 -21.52 2.08 8.07
N ARG D 128 -22.81 2.03 8.36
CA ARG D 128 -23.34 2.83 9.47
C ARG D 128 -22.79 2.32 10.80
N GLY D 129 -22.85 1.02 11.05
CA GLY D 129 -22.35 0.42 12.30
C GLY D 129 -20.85 0.52 12.42
N LEU D 130 -20.18 0.31 11.31
CA LEU D 130 -18.71 0.49 11.31
C LEU D 130 -18.40 1.92 11.74
N CYS D 131 -19.02 2.90 11.12
CA CYS D 131 -18.76 4.32 11.45
C CYS D 131 -19.05 4.53 12.93
N ALA D 132 -20.11 3.89 13.43
CA ALA D 132 -20.62 4.13 14.81
C ALA D 132 -19.75 3.47 15.87
N GLY D 133 -18.86 2.55 15.53
CA GLY D 133 -17.97 1.91 16.51
C GLY D 133 -18.34 0.48 16.84
N VAL D 134 -19.06 -0.27 15.99
CA VAL D 134 -19.40 -1.68 16.33
C VAL D 134 -18.11 -2.48 16.57
N LEU D 135 -17.01 -2.28 15.83
CA LEU D 135 -15.83 -3.15 16.00
C LEU D 135 -15.15 -2.85 17.33
N GLU D 136 -15.01 -1.59 17.68
CA GLU D 136 -14.44 -1.19 18.98
C GLU D 136 -15.30 -1.79 20.08
N GLU D 137 -16.62 -1.70 19.96
CA GLU D 137 -17.53 -2.27 21.01
C GLU D 137 -17.33 -3.76 21.17
N THR D 138 -17.17 -4.49 20.08
CA THR D 138 -16.97 -5.95 20.09
C THR D 138 -15.60 -6.27 20.72
N VAL D 139 -14.53 -5.56 20.37
CA VAL D 139 -13.16 -5.78 20.95
C VAL D 139 -13.26 -5.61 22.47
N SER D 140 -13.90 -4.56 22.94
CA SER D 140 -13.98 -4.19 24.38
C SER D 140 -14.66 -5.30 25.19
N CYS D 141 -15.39 -6.23 24.56
CA CYS D 141 -16.01 -7.35 25.32
C CYS D 141 -14.96 -8.41 25.67
N PHE D 142 -13.78 -8.40 25.08
CA PHE D 142 -12.79 -9.49 25.29
C PHE D 142 -12.15 -9.25 26.65
N ALA D 143 -11.98 -10.31 27.45
CA ALA D 143 -11.09 -10.26 28.64
C ALA D 143 -9.64 -10.02 28.19
N ASP D 144 -9.22 -10.68 27.12
CA ASP D 144 -7.79 -10.70 26.69
C ASP D 144 -7.37 -9.31 26.20
N ASN D 145 -6.07 -9.06 26.17
CA ASN D 145 -5.51 -7.76 25.70
C ASN D 145 -5.76 -7.69 24.20
N PRO D 146 -6.06 -6.50 23.63
CA PRO D 146 -6.20 -6.36 22.18
C PRO D 146 -5.06 -6.92 21.33
N GLU D 147 -3.82 -6.87 21.83
CA GLU D 147 -2.62 -7.40 21.13
C GLU D 147 -2.79 -8.89 20.88
N ASN D 148 -3.63 -9.61 21.65
CA ASN D 148 -3.81 -11.07 21.50
C ASN D 148 -5.07 -11.46 20.71
N ILE D 149 -5.68 -10.50 20.04
CA ILE D 149 -6.96 -10.75 19.34
C ILE D 149 -6.68 -10.84 17.85
N LEU D 150 -7.18 -11.88 17.22
CA LEU D 150 -7.12 -12.11 15.76
C LEU D 150 -8.45 -11.62 15.19
N ALA D 151 -8.39 -10.89 14.09
CA ALA D 151 -9.60 -10.48 13.35
C ALA D 151 -9.52 -10.99 11.93
N TRP D 152 -10.65 -11.50 11.45
CA TRP D 152 -10.83 -11.94 10.05
C TRP D 152 -11.91 -11.09 9.41
N LEU D 153 -11.50 -10.38 8.36
CA LEU D 153 -12.44 -9.54 7.59
C LEU D 153 -13.10 -10.46 6.59
N GLY D 154 -14.41 -10.62 6.73
CA GLY D 154 -15.19 -11.51 5.86
C GLY D 154 -15.61 -10.82 4.55
N PRO D 155 -16.31 -11.55 3.67
CA PRO D 155 -16.70 -11.01 2.37
C PRO D 155 -17.71 -9.87 2.52
N ALA D 156 -17.32 -8.74 1.94
CA ALA D 156 -18.07 -7.49 1.95
C ALA D 156 -18.05 -6.87 0.57
N ILE D 157 -18.75 -5.77 0.45
CA ILE D 157 -18.69 -5.00 -0.81
C ILE D 157 -17.34 -4.29 -0.85
N GLY D 158 -16.58 -4.58 -1.93
CA GLY D 158 -15.15 -4.23 -1.99
C GLY D 158 -14.89 -2.84 -2.53
N PRO D 159 -13.62 -2.43 -2.47
CA PRO D 159 -13.22 -1.07 -2.81
C PRO D 159 -13.39 -0.70 -4.28
N ARG D 160 -13.56 -1.65 -5.18
CA ARG D 160 -13.78 -1.30 -6.59
C ARG D 160 -15.29 -1.13 -6.83
N ALA D 161 -16.14 -1.47 -5.87
CA ALA D 161 -17.60 -1.48 -6.10
C ALA D 161 -18.34 -0.62 -5.11
N PHE D 162 -17.76 -0.27 -3.97
CA PHE D 162 -18.54 0.36 -2.90
C PHE D 162 -18.60 1.87 -3.15
N GLU D 163 -19.46 2.28 -4.06
CA GLU D 163 -19.59 3.70 -4.45
C GLU D 163 -20.43 4.33 -3.35
N VAL D 164 -20.02 5.48 -2.84
CA VAL D 164 -20.75 6.22 -1.79
C VAL D 164 -20.67 7.71 -2.10
N GLY D 165 -21.66 8.44 -1.61
CA GLY D 165 -21.62 9.90 -1.70
C GLY D 165 -20.65 10.48 -0.71
N GLY D 166 -20.30 11.74 -0.95
CA GLY D 166 -19.51 12.51 -0.01
C GLY D 166 -20.08 12.55 1.41
N GLU D 167 -21.39 12.49 1.63
CA GLU D 167 -21.95 12.54 2.99
C GLU D 167 -21.49 11.32 3.81
N VAL D 168 -21.34 10.18 3.13
CA VAL D 168 -20.85 8.96 3.83
C VAL D 168 -19.41 9.21 4.23
N ARG D 169 -18.60 9.70 3.29
CA ARG D 169 -17.19 10.07 3.61
C ARG D 169 -17.19 11.03 4.80
N GLU D 170 -18.07 12.03 4.84
CA GLU D 170 -18.08 13.01 5.95
C GLU D 170 -18.41 12.32 7.28
N ALA D 171 -19.39 11.43 7.29
CA ALA D 171 -19.76 10.70 8.53
C ALA D 171 -18.52 9.99 9.11
N PHE D 172 -17.74 9.30 8.27
CA PHE D 172 -16.53 8.62 8.80
C PHE D 172 -15.47 9.65 9.25
N MET D 173 -15.29 10.69 8.48
CA MET D 173 -14.24 11.69 8.81
C MET D 173 -14.61 12.45 10.10
N ALA D 174 -15.91 12.65 10.39
CA ALA D 174 -16.35 13.27 11.67
C ALA D 174 -15.89 12.48 12.89
N VAL D 175 -15.72 11.18 12.77
CA VAL D 175 -15.32 10.32 13.89
C VAL D 175 -13.80 10.19 13.91
N ASP D 176 -13.19 10.03 12.73
CA ASP D 176 -11.73 9.72 12.64
C ASP D 176 -11.25 10.18 11.27
N ALA D 177 -10.65 11.37 11.21
CA ALA D 177 -10.42 12.09 9.94
C ALA D 177 -9.46 11.29 9.03
N LYS D 178 -8.60 10.43 9.58
CA LYS D 178 -7.78 9.55 8.70
C LYS D 178 -8.62 8.63 7.82
N ALA D 179 -9.93 8.49 8.08
CA ALA D 179 -10.83 7.72 7.19
C ALA D 179 -10.70 8.24 5.76
N SER D 180 -10.30 9.50 5.59
CA SER D 180 -10.06 10.09 4.26
C SER D 180 -9.20 9.19 3.37
N ALA D 181 -8.27 8.42 3.96
CA ALA D 181 -7.36 7.56 3.18
C ALA D 181 -8.18 6.48 2.46
N ALA D 182 -9.36 6.14 2.97
CA ALA D 182 -10.10 4.96 2.46
C ALA D 182 -11.13 5.33 1.40
N PHE D 183 -11.17 6.57 0.95
CA PHE D 183 -12.16 7.08 -0.04
C PHE D 183 -11.42 7.63 -1.25
N ILE D 184 -11.67 7.04 -2.42
CA ILE D 184 -10.98 7.43 -3.68
C ILE D 184 -12.02 8.19 -4.50
N GLN D 185 -11.67 9.36 -5.00
CA GLN D 185 -12.61 10.12 -5.84
C GLN D 185 -13.08 9.28 -7.01
N HIS D 186 -14.36 9.38 -7.29
CA HIS D 186 -15.00 8.61 -8.40
C HIS D 186 -16.01 9.57 -9.03
N GLY D 187 -15.57 10.44 -9.93
CA GLY D 187 -16.45 11.56 -10.32
C GLY D 187 -16.78 12.43 -9.12
N ASP D 188 -18.06 12.74 -8.84
CA ASP D 188 -18.41 13.64 -7.70
C ASP D 188 -18.66 12.75 -6.46
N LYS D 189 -18.47 11.44 -6.61
CA LYS D 189 -18.67 10.42 -5.52
C LYS D 189 -17.34 9.80 -5.17
N TYR D 190 -17.38 8.69 -4.46
CA TYR D 190 -16.16 8.07 -3.91
C TYR D 190 -16.34 6.58 -3.96
N LEU D 191 -15.22 5.88 -4.12
CA LEU D 191 -15.17 4.43 -3.86
C LEU D 191 -14.57 4.25 -2.47
N ALA D 192 -15.33 3.65 -1.57
CA ALA D 192 -14.92 3.42 -0.17
C ALA D 192 -14.33 2.02 -0.03
N ASP D 193 -13.28 1.94 0.77
CA ASP D 193 -12.62 0.65 1.11
C ASP D 193 -13.00 0.26 2.55
N ILE D 194 -14.03 -0.55 2.66
CA ILE D 194 -14.62 -0.92 3.96
C ILE D 194 -13.61 -1.74 4.76
N TYR D 195 -12.75 -2.47 4.08
CA TYR D 195 -11.72 -3.29 4.78
C TYR D 195 -10.71 -2.34 5.42
N GLN D 196 -10.28 -1.34 4.67
CA GLN D 196 -9.32 -0.34 5.21
C GLN D 196 -9.95 0.42 6.38
N LEU D 197 -11.20 0.83 6.27
CA LEU D 197 -11.88 1.51 7.39
C LEU D 197 -11.86 0.60 8.61
N ALA D 198 -12.21 -0.68 8.45
CA ALA D 198 -12.21 -1.66 9.56
C ALA D 198 -10.80 -1.75 10.15
N ARG D 199 -9.79 -1.87 9.28
CA ARG D 199 -8.39 -1.92 9.81
C ARG D 199 -8.07 -0.68 10.64
N GLN D 200 -8.54 0.50 10.22
CA GLN D 200 -8.33 1.74 11.00
C GLN D 200 -8.95 1.61 12.37
N ARG D 201 -10.18 1.14 12.46
CA ARG D 201 -10.86 1.10 13.77
C ARG D 201 -10.17 0.04 14.64
N LEU D 202 -9.79 -1.08 14.04
CA LEU D 202 -9.16 -2.20 14.79
C LEU D 202 -7.78 -1.72 15.29
N ALA D 203 -6.97 -1.07 14.43
CA ALA D 203 -5.70 -0.42 14.86
C ALA D 203 -5.96 0.58 15.99
N ASN D 204 -7.03 1.37 15.96
CA ASN D 204 -7.35 2.41 16.96
C ASN D 204 -7.47 1.79 18.37
N VAL D 205 -7.91 0.54 18.46
CA VAL D 205 -8.11 -0.17 19.75
C VAL D 205 -7.06 -1.28 19.95
N GLY D 206 -5.98 -1.30 19.18
CA GLY D 206 -4.83 -2.15 19.45
C GLY D 206 -4.87 -3.52 18.84
N VAL D 207 -5.83 -3.80 17.97
CA VAL D 207 -5.85 -5.12 17.29
C VAL D 207 -4.89 -5.03 16.12
N GLU D 208 -3.89 -5.89 16.11
CA GLU D 208 -2.80 -5.92 15.11
C GLU D 208 -2.94 -7.08 14.14
N GLN D 209 -3.49 -8.23 14.50
CA GLN D 209 -3.38 -9.42 13.64
C GLN D 209 -4.68 -9.56 12.83
N ILE D 210 -4.67 -8.99 11.63
CA ILE D 210 -5.89 -8.83 10.80
C ILE D 210 -5.66 -9.62 9.50
N PHE D 211 -6.63 -10.46 9.16
CA PHE D 211 -6.60 -11.41 8.02
C PHE D 211 -7.83 -11.15 7.15
N GLY D 212 -7.78 -11.66 5.94
CA GLY D 212 -8.95 -11.59 5.05
C GLY D 212 -9.00 -10.25 4.37
N GLY D 213 -10.17 -9.96 3.84
CA GLY D 213 -10.45 -8.63 3.28
C GLY D 213 -10.12 -8.62 1.82
N ASP D 214 -10.25 -9.74 1.13
CA ASP D 214 -9.91 -9.82 -0.32
C ASP D 214 -11.12 -10.14 -1.23
N ARG D 215 -12.35 -10.03 -0.76
CA ARG D 215 -13.50 -10.49 -1.57
C ARG D 215 -14.34 -9.28 -1.96
N CYS D 216 -15.32 -9.49 -2.83
CA CYS D 216 -16.29 -8.43 -3.20
C CYS D 216 -17.65 -9.10 -3.47
N THR D 217 -18.57 -8.88 -2.54
CA THR D 217 -19.93 -9.47 -2.65
C THR D 217 -20.64 -8.94 -3.91
N TYR D 218 -20.38 -7.69 -4.26
CA TYR D 218 -21.06 -7.06 -5.41
C TYR D 218 -20.59 -7.71 -6.69
N THR D 219 -19.30 -7.90 -6.83
CA THR D 219 -18.74 -8.34 -8.12
C THR D 219 -18.87 -9.87 -8.23
N GLU D 220 -18.71 -10.57 -7.12
CA GLU D 220 -18.64 -12.05 -7.08
C GLU D 220 -20.07 -12.62 -7.02
N ASN D 221 -20.83 -12.43 -8.11
CA ASN D 221 -22.28 -12.73 -8.15
C ASN D 221 -22.59 -14.22 -8.16
N GLU D 222 -21.63 -15.05 -8.55
CA GLU D 222 -21.78 -16.50 -8.51
C GLU D 222 -21.65 -16.97 -7.07
N THR D 223 -21.05 -16.19 -6.16
CA THR D 223 -20.66 -16.69 -4.81
C THR D 223 -21.52 -16.02 -3.73
N PHE D 224 -21.77 -14.74 -3.89
CA PHE D 224 -22.38 -13.94 -2.80
C PHE D 224 -23.67 -13.26 -3.28
N PHE D 225 -24.60 -13.15 -2.32
CA PHE D 225 -25.70 -12.18 -2.41
C PHE D 225 -25.16 -10.75 -2.21
N SER D 226 -25.86 -9.76 -2.75
CA SER D 226 -25.45 -8.34 -2.62
C SER D 226 -26.69 -7.47 -2.67
N TYR D 227 -26.99 -6.78 -1.59
CA TYR D 227 -28.10 -5.80 -1.59
C TYR D 227 -27.87 -4.74 -2.63
N ARG D 228 -26.64 -4.27 -2.78
CA ARG D 228 -26.31 -3.19 -3.75
C ARG D 228 -26.61 -3.67 -5.16
N ARG D 229 -26.26 -4.91 -5.45
CA ARG D 229 -26.40 -5.45 -6.81
C ARG D 229 -27.87 -5.79 -7.08
N ASP D 230 -28.55 -6.42 -6.14
CA ASP D 230 -29.82 -7.12 -6.45
C ASP D 230 -31.03 -6.60 -5.69
N LYS D 231 -30.86 -5.65 -4.77
CA LYS D 231 -31.95 -5.00 -3.99
C LYS D 231 -32.53 -6.08 -3.06
N THR D 232 -33.70 -6.61 -3.33
CA THR D 232 -34.33 -7.69 -2.55
C THR D 232 -33.61 -8.99 -2.88
N THR D 233 -32.92 -9.55 -1.88
CA THR D 233 -32.11 -10.73 -2.11
C THR D 233 -31.90 -11.47 -0.82
N GLY D 234 -31.13 -12.53 -0.89
CA GLY D 234 -30.77 -13.32 0.29
C GLY D 234 -29.67 -12.72 1.16
N ARG D 235 -29.33 -13.47 2.21
CA ARG D 235 -28.26 -13.10 3.15
C ARG D 235 -27.34 -14.30 3.31
N MET D 236 -26.04 -14.05 3.35
CA MET D 236 -25.03 -14.96 3.92
C MET D 236 -24.96 -14.73 5.42
N ALA D 237 -24.17 -15.56 6.12
CA ALA D 237 -23.79 -15.34 7.50
C ALA D 237 -22.37 -15.88 7.72
N SER D 238 -21.72 -15.23 8.63
CA SER D 238 -20.39 -15.57 9.10
C SER D 238 -20.56 -16.01 10.55
N PHE D 239 -19.87 -17.13 10.85
CA PHE D 239 -19.99 -17.96 12.06
C PHE D 239 -18.60 -18.18 12.67
N ILE D 240 -18.59 -18.08 13.98
CA ILE D 240 -17.41 -18.50 14.77
C ILE D 240 -17.89 -19.16 16.06
N TRP D 241 -17.14 -20.17 16.48
CA TRP D 241 -17.40 -20.81 17.79
C TRP D 241 -16.11 -21.36 18.39
N LEU D 242 -16.17 -21.58 19.69
CA LEU D 242 -15.19 -22.43 20.43
C LEU D 242 -15.59 -23.89 20.25
N ILE D 243 -14.69 -24.72 19.71
CA ILE D 243 -15.07 -26.11 19.34
C ILE D 243 -15.38 -26.92 20.60
C1 EPZ E . 9.46 8.67 19.28
O1 EPZ E . 10.86 8.52 19.30
C2 EPZ E . 9.15 10.16 19.05
N2 EPZ E . 9.79 10.59 17.84
C3 EPZ E . 9.55 11.00 20.26
O3 EPZ E . 9.05 12.33 20.17
C4 EPZ E . 8.91 10.41 21.50
O4 EPZ E . 9.35 11.15 22.63
C5 EPZ E . 9.26 8.95 21.65
O5 EPZ E . 8.87 8.21 20.48
C6 EPZ E . 8.43 8.36 22.80
O6 EPZ E . 8.80 7.06 23.04
C7 EPZ E . 9.12 10.69 16.66
O7 EPZ E . 7.95 10.40 16.59
C8 EPZ E . 9.93 11.03 15.45
PA EPZ E . 10.57 4.96 19.47
PB EPZ E . 11.64 7.44 18.39
O1A EPZ E . 9.17 5.43 19.27
O1B EPZ E . 10.89 7.17 17.15
C1D EPZ E . 13.00 1.91 16.18
C1E EPZ E . 9.19 14.62 19.54
O1E EPZ E . 9.75 15.48 18.79
N1U EPZ E . 14.33 2.37 16.50
O2A EPZ E . 10.92 4.28 20.76
O2B EPZ E . 13.04 7.88 18.38
C2D EPZ E . 12.25 1.25 17.33
O2D EPZ E . 12.65 -0.11 17.41
C2E EPZ E . 9.95 13.35 19.78
O2E EPZ E . 8.08 14.73 20.11
C2U EPZ E . 15.36 1.94 15.67
O2U EPZ E . 15.18 1.23 14.70
O3A EPZ E . 11.59 6.15 19.31
C3D EPZ E . 10.80 1.42 16.83
O3D EPZ E . 10.42 0.52 15.81
C3E EPZ E . 10.98 13.65 20.85
N3U EPZ E . 16.56 2.48 15.96
C4D EPZ E . 10.87 2.83 16.20
O4D EPZ E . 12.26 3.08 15.89
C4U EPZ E . 16.90 3.30 17.00
O4U EPZ E . 18.06 3.69 17.12
C5D EPZ E . 10.32 3.95 17.05
O5D EPZ E . 11.02 3.89 18.33
C5U EPZ E . 15.79 3.70 17.83
C6U EPZ E . 14.58 3.23 17.53
P PO4 F . 8.19 14.94 26.38
O1 PO4 F . 6.82 15.62 26.40
O2 PO4 F . 8.70 14.93 24.96
O3 PO4 F . 7.98 13.52 26.96
O4 PO4 F . 9.17 15.70 27.26
C1 EPZ G . 9.84 -21.73 -2.64
O1 EPZ G . 9.85 -22.46 -1.43
C2 EPZ G . 8.75 -22.31 -3.56
N2 EPZ G . 7.47 -22.22 -2.91
C3 EPZ G . 9.12 -23.72 -4.02
O3 EPZ G . 8.23 -24.14 -5.06
C4 EPZ G . 10.52 -23.71 -4.62
O4 EPZ G . 10.97 -25.04 -4.90
C5 EPZ G . 11.47 -23.18 -3.55
O5 EPZ G . 11.09 -21.83 -3.28
C6 EPZ G . 12.91 -23.20 -3.96
O6 EPZ G . 13.11 -22.32 -5.01
C7 EPZ G . 6.60 -21.23 -3.08
O7 EPZ G . 6.84 -20.34 -3.91
C8 EPZ G . 5.35 -21.27 -2.25
PA EPZ G . 12.21 -20.09 -0.06
PB EPZ G . 9.78 -21.74 0.00
O1A EPZ G . 11.81 -19.47 -1.37
O1B EPZ G . 9.03 -20.46 0.02
C1D EPZ G . 11.44 -17.88 4.34
C1E EPZ G . 6.22 -25.18 -5.91
O1E EPZ G . 5.11 -25.61 -5.57
N1U EPZ G . 11.33 -19.19 5.03
O2A EPZ G . 13.66 -20.50 0.01
O2B EPZ G . 9.45 -22.83 0.97
C2D EPZ G . 12.79 -17.64 3.67
O2D EPZ G . 13.71 -17.12 4.62
C2E EPZ G . 7.27 -25.18 -4.79
O2E EPZ G . 6.62 -24.82 -7.08
C2U EPZ G . 10.97 -19.24 6.37
O2U EPZ G . 10.70 -18.27 7.06
O3A EPZ G . 11.33 -21.36 0.30
C3D EPZ G . 12.37 -16.60 2.61
O3D EPZ G . 12.21 -15.29 3.14
C3E EPZ G . 7.96 -26.52 -4.85
N3U EPZ G . 10.84 -20.50 6.90
C4D EPZ G . 10.98 -17.09 2.16
O4D EPZ G . 10.49 -17.84 3.29
C4U EPZ G . 11.08 -21.69 6.26
O4U EPZ G . 10.94 -22.74 6.87
C5D EPZ G . 10.92 -17.95 0.93
O5D EPZ G . 11.84 -19.06 1.10
C5U EPZ G . 11.46 -21.57 4.88
C6U EPZ G . 11.60 -20.35 4.34
P PO4 H . 10.77 -26.49 -8.34
O1 PO4 H . 10.07 -27.87 -8.28
O2 PO4 H . 10.05 -25.53 -7.43
O3 PO4 H . 10.68 -25.97 -9.76
O4 PO4 H . 12.25 -26.61 -7.94
C1 EPZ I . 4.76 13.85 -22.30
O1 EPZ I . 3.76 14.76 -21.82
C2 EPZ I . 6.02 14.07 -21.47
N2 EPZ I . 5.74 13.90 -20.05
C3 EPZ I . 6.68 15.42 -21.80
O3 EPZ I . 8.01 15.43 -21.25
C4 EPZ I . 6.82 15.59 -23.31
O4 EPZ I . 7.39 16.85 -23.62
C5 EPZ I . 5.51 15.39 -24.01
O5 EPZ I . 4.97 14.09 -23.68
C6 EPZ I . 5.61 15.48 -25.52
O6 EPZ I . 6.50 14.55 -26.01
C7 EPZ I . 5.96 12.76 -19.39
O7 EPZ I . 6.57 11.80 -19.90
C8 EPZ I . 5.44 12.74 -18.02
PA EPZ I . 1.38 13.09 -24.00
PB EPZ I . 2.25 14.38 -21.52
O1A EPZ I . 2.55 12.22 -24.03
O1B EPZ I . 2.20 13.04 -20.90
C1D EPZ I . -3.10 11.62 -22.22
C1E EPZ I . 9.49 15.94 -19.46
O1E EPZ I . 10.39 15.41 -20.17
N1U EPZ I . -3.41 13.00 -21.81
O2A EPZ I . 1.03 13.75 -25.29
O2B EPZ I . 1.66 15.55 -20.80
C2D EPZ I . -2.85 11.47 -23.72
O2D EPZ I . -4.08 11.31 -24.40
C2E EPZ I . 8.21 16.31 -20.14
O2E EPZ I . 9.61 16.21 -18.26
C2U EPZ I . -4.56 13.19 -21.08
O2U EPZ I . -5.30 12.27 -20.80
O3A EPZ I . 1.59 14.32 -22.95
C3D EPZ I . -1.97 10.23 -23.71
O3D EPZ I . -2.71 9.02 -23.55
C3E EPZ I . 8.34 17.73 -20.63
N3U EPZ I . -4.78 14.54 -20.73
C4D EPZ I . -1.09 10.44 -22.48
O4D EPZ I . -1.88 11.28 -21.60
C4U EPZ I . -3.94 15.59 -21.03
O4U EPZ I . -4.23 16.75 -20.70
C5D EPZ I . 0.27 11.06 -22.68
O5D EPZ I . 0.10 12.28 -23.45
C5U EPZ I . -2.76 15.26 -21.76
C6U EPZ I . -2.52 13.99 -22.07
C TRS J . 11.00 17.62 -24.62
C1 TRS J . 11.07 19.00 -24.05
C2 TRS J . 10.38 17.67 -26.00
C3 TRS J . 12.45 17.10 -24.71
N TRS J . 10.13 16.79 -23.70
O1 TRS J . 11.52 18.88 -22.74
O2 TRS J . 10.10 16.36 -26.43
O3 TRS J . 12.61 15.77 -25.21
C1 EPZ K . -26.59 -0.07 3.10
O1 EPZ K . -26.63 -0.31 1.75
C2 EPZ K . -26.15 -1.39 3.78
N2 EPZ K . -24.89 -1.83 3.18
C3 EPZ K . -27.24 -2.45 3.71
O3 EPZ K . -26.87 -3.58 4.55
C4 EPZ K . -28.56 -1.87 4.22
O4 EPZ K . -29.61 -2.81 4.04
C5 EPZ K . -28.90 -0.58 3.51
O5 EPZ K . -27.83 0.35 3.64
C6 EPZ K . -30.11 0.13 4.13
O6 EPZ K . -30.56 1.10 3.21
C7 EPZ K . -23.71 -1.58 3.77
O7 EPZ K . -23.60 -1.07 4.88
C8 EPZ K . -22.50 -1.96 2.99
PA EPZ K . -27.22 3.29 1.27
PB EPZ K . -26.09 0.69 0.64
O1A EPZ K . -26.79 3.19 2.67
O1B EPZ K . -24.74 1.23 1.06
C1D EPZ K . -24.56 5.66 -2.29
C1E EPZ K . -25.91 -5.70 4.96
O1E EPZ K . -26.24 -5.53 6.15
N1U EPZ K . -25.04 4.76 -3.36
O2A EPZ K . -28.58 3.81 0.91
O2B EPZ K . -26.14 -0.08 -0.60
C2D EPZ K . -25.72 6.40 -1.58
O2D EPZ K . -26.14 7.53 -2.31
C2E EPZ K . -26.49 -4.80 3.89
O2E EPZ K . -25.12 -6.56 4.58
C2U EPZ K . -24.52 4.90 -4.63
O2U EPZ K . -23.68 5.74 -4.88
O3A EPZ K . -27.16 1.90 0.52
C3D EPZ K . -25.10 6.77 -0.25
O3D EPZ K . -24.19 7.87 -0.36
C3E EPZ K . -27.71 -5.48 3.32
N3U EPZ K . -25.07 4.03 -5.56
C4D EPZ K . -24.25 5.52 0.05
O4D EPZ K . -23.98 4.91 -1.23
C4U EPZ K . -26.04 3.06 -5.34
O4U EPZ K . -26.45 2.37 -6.27
C5D EPZ K . -24.87 4.51 0.97
O5D EPZ K . -26.14 4.15 0.41
C5U EPZ K . -26.50 2.97 -4.00
C6U EPZ K . -25.97 3.78 -3.06
C TRS L . -31.11 -4.90 6.78
C1 TRS L . -31.64 -5.91 5.80
C2 TRS L . -32.01 -3.68 6.80
C3 TRS L . -30.97 -5.63 8.14
N TRS L . -29.76 -4.51 6.22
O1 TRS L . -30.83 -7.07 5.86
O2 TRS L . -31.28 -2.49 6.57
O3 TRS L . -31.02 -4.86 9.35
#